data_6ZCK
#
_entry.id   6ZCK
#
loop_
_entity.id
_entity.type
_entity.pdbx_description
1 polymer 'Capsid protein VP1'
2 polymer 'Capsid protein VP2'
3 polymer 'Capsid protein VP3'
4 polymer 'Capsid protein VP4'
5 non-polymer '4-[(6-propoxynaphthalen-2-yl)sulfonylamino]benzoic acid'
#
loop_
_entity_poly.entity_id
_entity_poly.type
_entity_poly.pdbx_seq_one_letter_code
_entity_poly.pdbx_strand_id
1 'polypeptide(L)'
;MGRVADTIARGPSNSEQIPALTAVETGHTSQVDPSDTMQTRHVHNYHSRSESSIENFLCRSACVIYIKYSSAESNNLKRY
AEWVINTRQVAQLRRKMEMFTYIRCDMELTFVITSHQEMSTATNSDVPVQTHQIMYVPPGGPVPTSVNDYVWQTSTNPSI
FWTEGNAPPRMSIPFMSIGNAYTMFYDGWSNFSRDGIYGYNSLNNMGTIYARHVNDSSPGGLTSTIRIYFKPKHVKAYVP
RPPRLCQYKKAKNVNFDVEAVTTERASLVTT
;
A
2 'polypeptide(L)'
;SDRVRSITLGNSTITTQECANVVVGYGVWPDYLSDEEATAEDQPTQPDVATCRFYTLNSVKWEMQSAGWWWKFPDALSEM
GLFGQNMQYHYLGRSGYTIHVQCNASKFHQGCLLVVCVPEAEMGCTNAENAPTYGDLCGGETAKQFEQNAVTGETAVQTA
VCNAGMGVGVGNLTIYPHQWINLRTNNSATIVMPYINSVPMDNMFRHNNFTLMIIPFAPLDYVTGASSYIPITVTVAPMS
AEYNGLRLAGHQ
;
B
3 'polypeptide(L)'
;GLPTMLTPGSTQFLTSDDFQSPSAMPQFDVTPEMNIPGQVRNLMEIAEVDSVVPINNLQANLKTMEAYRVQVRSTDEMGG
QIFGFPLQPGASSVLQRTLLGEILNYYTHWSGSLKLTFVFCGSAMATGKFLLAYSPPGAGAPDSRKNAMLGTHVIWDVGL
QSSCVLCVPWISQTHYRYVVDDKYTASGFISCWYQTNVIVPAEAQKSCYIMCFVSACNDFSVRMLRDTQFIKQDTFYQ
;
C
4 'polypeptide(L)' MGAQVSTQKTGAHETSLSASGNSIIHYTNINYYKDAASNSANRQDFTQDPSKFTEPVKDVMIKSLPALN D
#
# COMPACT_ATOMS: atom_id res chain seq x y z
N MET A 1 -11.90 23.06 0.03
CA MET A 1 -10.67 22.98 0.86
C MET A 1 -10.43 21.59 1.39
N GLY A 2 -9.26 21.39 2.01
CA GLY A 2 -8.81 20.12 2.52
C GLY A 2 -8.71 20.18 4.01
N ARG A 3 -9.36 21.19 4.63
CA ARG A 3 -9.32 21.43 6.06
C ARG A 3 -9.81 20.28 6.90
N VAL A 4 -9.12 20.09 8.05
CA VAL A 4 -9.33 18.98 8.96
C VAL A 4 -10.41 19.35 9.94
N ALA A 5 -10.93 18.32 10.66
CA ALA A 5 -11.96 18.44 11.67
C ALA A 5 -11.54 19.30 12.85
N ASP A 6 -12.51 20.06 13.38
CA ASP A 6 -12.40 20.82 14.60
C ASP A 6 -12.59 19.87 15.77
N THR A 7 -11.99 20.23 16.94
CA THR A 7 -12.22 19.55 18.19
C THR A 7 -13.48 20.16 18.72
N ILE A 8 -14.34 19.32 19.36
CA ILE A 8 -15.62 19.72 19.87
C ILE A 8 -15.49 19.65 21.36
N ALA A 9 -16.00 20.70 22.07
CA ALA A 9 -16.04 20.75 23.52
C ALA A 9 -16.92 19.67 24.09
N ARG A 10 -16.51 19.11 25.24
CA ARG A 10 -17.13 17.94 25.81
C ARG A 10 -16.97 18.08 27.30
N GLY A 11 -18.00 17.65 28.07
CA GLY A 11 -18.01 17.75 29.52
C GLY A 11 -17.79 16.40 30.11
N PRO A 12 -18.01 16.24 31.41
CA PRO A 12 -18.09 14.94 32.09
C PRO A 12 -19.16 14.06 31.51
N SER A 13 -19.00 12.73 31.57
CA SER A 13 -19.98 11.80 31.07
C SER A 13 -20.04 10.66 32.03
N ASN A 14 -21.15 9.90 31.96
CA ASN A 14 -21.40 8.74 32.74
C ASN A 14 -22.67 8.24 32.11
N SER A 15 -22.52 7.25 31.20
CA SER A 15 -23.60 6.78 30.38
C SER A 15 -23.22 5.40 29.94
N GLU A 16 -24.13 4.74 29.19
CA GLU A 16 -23.92 3.40 28.70
C GLU A 16 -23.31 3.45 27.33
N GLN A 17 -23.05 4.68 26.81
CA GLN A 17 -22.28 4.90 25.61
C GLN A 17 -20.86 4.50 25.84
N ILE A 18 -20.25 3.80 24.86
CA ILE A 18 -18.93 3.24 24.97
C ILE A 18 -18.22 3.50 23.66
N PRO A 19 -17.71 4.70 23.40
CA PRO A 19 -17.01 4.99 22.15
C PRO A 19 -15.67 4.32 22.15
N ALA A 20 -14.99 4.25 23.32
CA ALA A 20 -13.69 3.66 23.49
C ALA A 20 -13.67 2.19 23.20
N LEU A 21 -14.70 1.43 23.64
CA LEU A 21 -14.76 0.00 23.41
C LEU A 21 -15.30 -0.28 22.03
N THR A 22 -14.72 -1.29 21.37
CA THR A 22 -14.96 -1.61 19.99
C THR A 22 -14.51 -3.03 19.86
N ALA A 23 -14.74 -3.64 18.68
CA ALA A 23 -14.20 -4.92 18.31
C ALA A 23 -13.44 -4.63 17.07
N VAL A 24 -12.19 -5.14 16.98
CA VAL A 24 -11.31 -4.92 15.85
C VAL A 24 -11.38 -6.13 14.97
N GLU A 25 -12.27 -7.10 15.29
CA GLU A 25 -12.52 -8.28 14.49
C GLU A 25 -13.32 -7.95 13.27
N THR A 26 -14.09 -6.84 13.33
CA THR A 26 -14.61 -6.13 12.18
C THR A 26 -13.44 -5.52 11.42
N GLY A 27 -13.57 -5.33 10.09
CA GLY A 27 -12.55 -4.68 9.29
C GLY A 27 -12.52 -3.20 9.56
N HIS A 28 -13.63 -2.68 10.13
CA HIS A 28 -13.82 -1.31 10.55
C HIS A 28 -12.81 -0.93 11.59
N THR A 29 -12.32 0.32 11.53
CA THR A 29 -11.40 0.87 12.49
C THR A 29 -12.16 1.99 13.15
N SER A 30 -11.87 2.21 14.45
CA SER A 30 -12.52 3.16 15.32
C SER A 30 -12.47 4.56 14.80
N GLN A 31 -13.50 5.36 15.14
CA GLN A 31 -13.71 6.70 14.65
C GLN A 31 -13.57 7.66 15.79
N VAL A 32 -13.01 7.20 16.93
CA VAL A 32 -12.88 8.00 18.12
C VAL A 32 -12.03 9.23 17.91
N ASP A 33 -12.40 10.29 18.65
CA ASP A 33 -11.77 11.57 18.64
C ASP A 33 -11.34 11.75 20.07
N PRO A 34 -10.57 12.77 20.41
CA PRO A 34 -10.29 13.13 21.79
C PRO A 34 -11.52 13.50 22.56
N SER A 35 -12.65 13.83 21.87
CA SER A 35 -13.86 14.34 22.47
C SER A 35 -14.71 13.21 23.00
N ASP A 36 -14.12 12.00 23.13
CA ASP A 36 -14.79 10.79 23.48
C ASP A 36 -14.08 10.15 24.65
N THR A 37 -12.85 10.62 24.97
CA THR A 37 -12.00 9.94 25.93
C THR A 37 -11.56 10.90 27.00
N MET A 38 -11.75 12.22 26.83
CA MET A 38 -11.46 13.16 27.88
C MET A 38 -12.22 14.41 27.53
N GLN A 39 -12.20 15.38 28.49
CA GLN A 39 -12.86 16.66 28.48
C GLN A 39 -12.87 17.38 27.16
N THR A 40 -11.72 17.95 26.75
CA THR A 40 -11.53 18.68 25.51
C THR A 40 -12.23 20.02 25.46
N ARG A 41 -11.59 20.97 24.75
CA ARG A 41 -12.07 22.30 24.48
C ARG A 41 -12.40 22.30 23.02
N HIS A 42 -13.10 23.36 22.56
CA HIS A 42 -13.32 23.57 21.15
C HIS A 42 -12.10 24.23 20.58
N VAL A 43 -11.55 23.64 19.50
CA VAL A 43 -10.42 24.16 18.79
C VAL A 43 -10.91 24.30 17.39
N HIS A 44 -10.87 25.52 16.83
CA HIS A 44 -11.14 25.77 15.44
C HIS A 44 -9.82 25.54 14.75
N ASN A 45 -9.79 24.58 13.81
CA ASN A 45 -8.58 24.03 13.29
C ASN A 45 -8.57 24.30 11.81
N TYR A 46 -7.49 24.95 11.33
CA TYR A 46 -7.39 25.49 10.00
C TYR A 46 -6.40 24.71 9.17
N HIS A 47 -5.82 23.62 9.74
CA HIS A 47 -4.82 22.80 9.09
C HIS A 47 -5.43 22.10 7.90
N SER A 48 -4.64 21.90 6.82
CA SER A 48 -5.13 21.35 5.58
C SER A 48 -4.31 20.15 5.23
N ARG A 49 -4.94 19.24 4.46
CA ARG A 49 -4.38 18.00 3.96
C ARG A 49 -4.03 18.21 2.51
N SER A 50 -3.75 19.48 2.14
CA SER A 50 -3.51 19.93 0.79
C SER A 50 -2.33 19.29 0.11
N GLU A 51 -1.22 19.06 0.86
CA GLU A 51 0.03 18.62 0.31
C GLU A 51 0.13 17.12 0.45
N SER A 52 -0.88 16.47 1.07
CA SER A 52 -0.93 15.03 1.22
C SER A 52 -1.86 14.42 0.23
N SER A 53 -2.35 15.19 -0.76
CA SER A 53 -2.99 14.70 -1.96
C SER A 53 -2.03 13.85 -2.76
N ILE A 54 -2.55 12.90 -3.57
CA ILE A 54 -1.71 12.01 -4.35
C ILE A 54 -1.15 12.73 -5.56
N GLU A 55 -1.70 13.92 -5.89
CA GLU A 55 -1.31 14.70 -7.03
C GLU A 55 -0.32 15.76 -6.62
N ASN A 56 0.13 15.74 -5.34
CA ASN A 56 1.18 16.59 -4.85
C ASN A 56 2.29 15.70 -4.39
N PHE A 57 1.94 14.51 -3.86
CA PHE A 57 2.86 13.48 -3.43
C PHE A 57 3.69 12.95 -4.56
N LEU A 58 3.04 12.67 -5.71
CA LEU A 58 3.68 12.00 -6.81
C LEU A 58 4.17 13.00 -7.83
N CYS A 59 3.88 14.30 -7.63
CA CYS A 59 4.08 15.28 -8.67
C CYS A 59 5.30 16.09 -8.34
N ARG A 60 6.46 15.40 -8.27
CA ARG A 60 7.74 16.03 -8.20
C ARG A 60 8.63 15.14 -9.00
N SER A 61 9.45 15.75 -9.89
CA SER A 61 10.34 15.08 -10.80
C SER A 61 11.39 14.25 -10.09
N ALA A 62 11.57 13.00 -10.55
CA ALA A 62 12.46 12.04 -9.95
C ALA A 62 13.27 11.48 -11.05
N CYS A 63 14.60 11.31 -10.85
CA CYS A 63 15.48 10.69 -11.82
C CYS A 63 15.17 9.22 -11.89
N VAL A 64 15.06 8.66 -13.12
CA VAL A 64 14.70 7.28 -13.33
C VAL A 64 15.84 6.51 -13.93
N ILE A 65 16.79 7.19 -14.62
CA ILE A 65 17.96 6.50 -15.16
C ILE A 65 18.94 7.58 -15.51
N TYR A 66 20.21 7.17 -15.78
CA TYR A 66 21.06 7.92 -16.68
C TYR A 66 21.84 6.92 -17.47
N ILE A 67 22.25 7.35 -18.69
CA ILE A 67 22.87 6.50 -19.69
C ILE A 67 23.91 7.39 -20.33
N LYS A 68 25.05 6.80 -20.74
CA LYS A 68 26.19 7.54 -21.24
C LYS A 68 26.50 7.07 -22.63
N TYR A 69 27.13 7.96 -23.43
CA TYR A 69 27.54 7.68 -24.79
C TYR A 69 28.68 8.62 -25.06
N SER A 70 29.56 8.26 -26.03
CA SER A 70 30.83 8.91 -26.20
C SER A 70 31.09 9.04 -27.67
N SER A 71 31.63 10.21 -28.07
CA SER A 71 32.06 10.53 -29.42
C SER A 71 33.19 9.64 -29.86
N ALA A 72 34.16 9.40 -28.96
CA ALA A 72 35.34 8.62 -29.23
C ALA A 72 35.07 7.14 -29.12
N GLU A 73 34.05 6.76 -28.30
CA GLU A 73 33.80 5.40 -27.84
C GLU A 73 34.95 4.97 -26.94
N SER A 74 35.38 5.88 -26.03
CA SER A 74 36.54 5.74 -25.19
C SER A 74 36.51 4.55 -24.26
N ASN A 75 35.34 4.29 -23.61
CA ASN A 75 35.29 3.36 -22.51
C ASN A 75 34.04 2.55 -22.65
N ASN A 76 33.72 2.18 -23.92
CA ASN A 76 32.75 1.17 -24.28
C ASN A 76 31.34 1.66 -24.09
N LEU A 77 31.08 2.91 -24.53
CA LEU A 77 29.80 3.55 -24.31
C LEU A 77 29.05 3.69 -25.60
N LYS A 78 29.68 3.29 -26.75
CA LYS A 78 29.19 3.51 -28.11
C LYS A 78 28.94 4.96 -28.41
N ARG A 79 28.42 5.28 -29.62
CA ARG A 79 28.23 6.65 -30.05
C ARG A 79 26.80 7.07 -29.83
N TYR A 80 26.04 6.19 -29.15
CA TYR A 80 24.66 6.42 -28.87
C TYR A 80 24.40 5.53 -27.69
N ALA A 81 23.28 5.76 -27.00
CA ALA A 81 22.92 5.06 -25.80
C ALA A 81 21.49 4.67 -25.97
N GLU A 82 21.01 3.73 -25.13
CA GLU A 82 19.64 3.27 -25.22
C GLU A 82 19.18 2.95 -23.84
N TRP A 83 17.84 2.99 -23.65
CA TRP A 83 17.22 2.66 -22.40
C TRP A 83 15.84 2.17 -22.70
N VAL A 84 15.51 0.92 -22.31
CA VAL A 84 14.17 0.40 -22.31
C VAL A 84 13.42 1.03 -21.18
N ILE A 85 12.34 1.79 -21.50
CA ILE A 85 11.57 2.58 -20.57
C ILE A 85 10.93 1.72 -19.50
N ASN A 86 11.15 2.09 -18.23
CA ASN A 86 10.54 1.49 -17.07
C ASN A 86 10.77 2.49 -15.96
N THR A 87 10.16 2.26 -14.78
CA THR A 87 10.24 3.17 -13.65
C THR A 87 10.88 2.45 -12.48
N ARG A 88 11.51 1.28 -12.71
CA ARG A 88 11.81 0.35 -11.65
C ARG A 88 13.29 0.18 -11.43
N GLN A 89 14.15 1.03 -12.04
CA GLN A 89 15.58 0.90 -11.86
C GLN A 89 16.08 1.80 -10.78
N VAL A 90 15.19 2.64 -10.21
CA VAL A 90 15.50 3.56 -9.15
C VAL A 90 14.62 3.22 -7.99
N ALA A 91 15.19 3.21 -6.77
CA ALA A 91 14.48 2.84 -5.56
C ALA A 91 13.40 3.84 -5.17
N GLN A 92 13.74 5.15 -5.18
CA GLN A 92 12.92 6.18 -4.60
C GLN A 92 11.61 6.43 -5.28
N LEU A 93 11.61 6.56 -6.63
CA LEU A 93 10.45 6.82 -7.43
C LEU A 93 9.57 5.61 -7.49
N ARG A 94 10.20 4.42 -7.56
CA ARG A 94 9.56 3.14 -7.61
C ARG A 94 8.72 2.87 -6.40
N ARG A 95 9.26 3.16 -5.20
CA ARG A 95 8.60 2.93 -3.93
C ARG A 95 7.34 3.74 -3.78
N LYS A 96 7.36 5.02 -4.20
CA LYS A 96 6.23 5.91 -4.15
C LYS A 96 5.06 5.43 -4.98
N MET A 97 5.34 4.87 -6.18
CA MET A 97 4.33 4.37 -7.08
C MET A 97 3.81 3.01 -6.68
N GLU A 98 4.62 2.25 -5.90
CA GLU A 98 4.29 0.91 -5.49
C GLU A 98 3.55 0.90 -4.17
N MET A 99 3.03 2.08 -3.76
CA MET A 99 2.11 2.23 -2.66
C MET A 99 0.70 2.19 -3.21
N PHE A 100 0.56 1.82 -4.50
CA PHE A 100 -0.67 1.81 -5.23
C PHE A 100 -0.50 0.66 -6.16
N THR A 101 -1.61 0.05 -6.63
CA THR A 101 -1.56 -1.13 -7.46
C THR A 101 -1.78 -0.67 -8.87
N TYR A 102 -2.69 0.30 -9.06
CA TYR A 102 -2.99 0.81 -10.38
C TYR A 102 -2.86 2.29 -10.31
N ILE A 103 -2.24 2.91 -11.33
CA ILE A 103 -2.10 4.34 -11.42
C ILE A 103 -2.40 4.67 -12.85
N ARG A 104 -3.26 5.67 -13.14
CA ARG A 104 -3.29 6.27 -14.44
C ARG A 104 -2.85 7.69 -14.26
N CYS A 105 -1.94 8.14 -15.15
CA CYS A 105 -1.38 9.46 -15.06
C CYS A 105 -0.82 9.78 -16.41
N ASP A 106 -0.54 11.09 -16.60
CA ASP A 106 0.24 11.61 -17.70
C ASP A 106 1.62 11.78 -17.09
N MET A 107 2.67 11.84 -17.93
CA MET A 107 4.02 12.06 -17.47
C MET A 107 4.50 13.33 -18.08
N GLU A 108 5.60 13.86 -17.52
CA GLU A 108 6.32 14.97 -18.05
C GLU A 108 7.73 14.51 -17.94
N LEU A 109 8.48 14.53 -19.06
CA LEU A 109 9.82 14.00 -19.12
C LEU A 109 10.70 15.18 -19.32
N THR A 110 11.70 15.35 -18.43
CA THR A 110 12.68 16.41 -18.50
C THR A 110 13.99 15.69 -18.61
N PHE A 111 14.94 16.24 -19.39
CA PHE A 111 16.21 15.61 -19.64
C PHE A 111 17.24 16.60 -19.20
N VAL A 112 18.29 16.13 -18.50
CA VAL A 112 19.36 16.98 -18.03
C VAL A 112 20.55 16.34 -18.66
N ILE A 113 21.14 17.04 -19.66
CA ILE A 113 22.13 16.50 -20.55
C ILE A 113 23.36 17.31 -20.28
N THR A 114 24.48 16.62 -20.03
CA THR A 114 25.72 17.24 -19.65
C THR A 114 26.76 16.53 -20.46
N SER A 115 27.95 17.15 -20.65
CA SER A 115 29.05 16.52 -21.34
C SER A 115 30.29 16.88 -20.57
N HIS A 116 31.37 16.10 -20.80
CA HIS A 116 32.62 16.33 -20.14
C HIS A 116 33.68 15.93 -21.12
N GLN A 117 34.87 16.56 -20.99
CA GLN A 117 36.05 16.24 -21.74
C GLN A 117 36.67 14.98 -21.21
N GLU A 118 37.27 14.19 -22.12
CA GLU A 118 37.88 12.92 -21.82
C GLU A 118 39.35 13.05 -22.07
N MET A 119 40.15 12.20 -21.38
CA MET A 119 41.55 12.00 -21.66
C MET A 119 41.78 11.50 -23.06
N SER A 120 42.83 12.04 -23.70
CA SER A 120 43.13 11.74 -25.08
C SER A 120 44.57 12.12 -25.27
N THR A 121 45.17 11.67 -26.39
CA THR A 121 46.51 12.02 -26.78
C THR A 121 46.43 13.13 -27.80
N ALA A 122 45.20 13.61 -28.11
CA ALA A 122 44.91 14.75 -28.94
C ALA A 122 45.48 16.01 -28.33
N THR A 123 45.91 16.95 -29.19
CA THR A 123 46.45 18.22 -28.80
C THR A 123 45.65 19.23 -29.58
N ASN A 124 45.23 20.31 -28.88
CA ASN A 124 44.50 21.43 -29.43
C ASN A 124 43.05 21.04 -29.61
N SER A 125 42.18 21.54 -28.71
CA SER A 125 40.77 21.26 -28.70
C SER A 125 40.08 22.58 -28.68
N ASP A 126 39.04 22.70 -29.54
CA ASP A 126 38.26 23.89 -29.68
C ASP A 126 37.02 23.35 -30.34
N VAL A 127 36.33 22.47 -29.59
CA VAL A 127 35.21 21.68 -30.04
C VAL A 127 33.97 22.56 -29.98
N PRO A 128 33.17 22.72 -31.05
CA PRO A 128 31.90 23.43 -31.05
C PRO A 128 30.91 22.96 -30.01
N VAL A 129 29.86 23.78 -29.73
CA VAL A 129 28.81 23.44 -28.80
C VAL A 129 28.02 22.27 -29.35
N GLN A 130 27.92 21.19 -28.54
CA GLN A 130 27.29 19.95 -28.92
C GLN A 130 25.80 20.09 -29.06
N THR A 131 25.22 19.33 -30.01
CA THR A 131 23.80 19.21 -30.20
C THR A 131 23.60 17.74 -29.98
N HIS A 132 22.40 17.36 -29.51
CA HIS A 132 22.09 16.01 -29.14
C HIS A 132 20.69 15.78 -29.59
N GLN A 133 20.38 14.51 -29.90
CA GLN A 133 19.06 14.09 -30.30
C GLN A 133 18.65 13.11 -29.24
N ILE A 134 17.34 13.12 -28.90
CA ILE A 134 16.75 12.15 -28.01
C ILE A 134 15.57 11.69 -28.81
N MET A 135 15.54 10.39 -29.17
CA MET A 135 14.54 9.80 -30.00
C MET A 135 13.79 8.77 -29.21
N TYR A 136 12.45 8.82 -29.28
CA TYR A 136 11.57 7.84 -28.69
C TYR A 136 11.10 6.95 -29.80
N VAL A 137 11.28 5.62 -29.65
CA VAL A 137 10.93 4.63 -30.61
C VAL A 137 9.81 3.82 -29.96
N PRO A 138 8.54 3.95 -30.35
CA PRO A 138 7.44 3.10 -29.87
C PRO A 138 7.69 1.63 -30.11
N PRO A 139 7.16 0.67 -29.36
CA PRO A 139 7.28 -0.77 -29.60
C PRO A 139 7.12 -1.21 -31.04
N GLY A 140 8.08 -2.01 -31.54
CA GLY A 140 8.03 -2.58 -32.87
C GLY A 140 8.50 -1.63 -33.93
N GLY A 141 9.22 -0.55 -33.55
CA GLY A 141 9.81 0.37 -34.48
C GLY A 141 11.20 -0.12 -34.82
N PRO A 142 11.81 0.28 -35.94
CA PRO A 142 13.23 0.08 -36.22
C PRO A 142 14.09 0.76 -35.18
N VAL A 143 15.30 0.20 -34.92
CA VAL A 143 16.15 0.65 -33.83
C VAL A 143 17.50 1.00 -34.44
N PRO A 144 18.23 2.00 -33.94
CA PRO A 144 19.64 2.23 -34.22
C PRO A 144 20.52 1.03 -34.04
N THR A 145 21.47 0.82 -34.97
CA THR A 145 22.53 -0.16 -34.84
C THR A 145 23.83 0.59 -34.96
N SER A 146 23.76 1.89 -35.31
CA SER A 146 24.89 2.77 -35.44
C SER A 146 24.33 4.14 -35.27
N VAL A 147 25.21 5.14 -35.17
CA VAL A 147 24.87 6.53 -34.96
C VAL A 147 24.47 7.16 -36.28
N ASN A 148 24.79 6.52 -37.43
CA ASN A 148 24.66 7.12 -38.74
C ASN A 148 23.48 6.58 -39.50
N ASP A 149 22.73 5.59 -38.96
CA ASP A 149 21.76 4.85 -39.76
C ASP A 149 20.48 5.62 -39.92
N TYR A 150 19.59 5.08 -40.79
CA TYR A 150 18.41 5.72 -41.33
C TYR A 150 17.34 5.98 -40.29
N VAL A 151 17.45 5.35 -39.09
CA VAL A 151 16.43 5.37 -38.07
C VAL A 151 16.36 6.73 -37.40
N TRP A 152 17.44 7.53 -37.49
CA TRP A 152 17.54 8.82 -36.86
C TRP A 152 16.96 9.90 -37.73
N GLN A 153 16.23 9.53 -38.82
CA GLN A 153 15.52 10.45 -39.67
C GLN A 153 14.25 10.94 -39.02
N THR A 154 13.71 10.16 -38.05
CA THR A 154 12.59 10.49 -37.19
C THR A 154 11.36 10.97 -37.91
N SER A 155 10.88 10.17 -38.88
CA SER A 155 9.83 10.57 -39.78
C SER A 155 8.47 10.47 -39.11
N THR A 156 8.36 9.65 -38.03
CA THR A 156 7.10 9.44 -37.35
C THR A 156 7.43 9.28 -35.88
N ASN A 157 8.68 8.86 -35.55
CA ASN A 157 9.17 8.74 -34.19
C ASN A 157 9.27 10.11 -33.54
N PRO A 158 8.70 10.39 -32.36
CA PRO A 158 8.86 11.65 -31.66
C PRO A 158 10.30 11.92 -31.30
N SER A 159 10.79 13.18 -31.39
CA SER A 159 12.19 13.42 -31.19
C SER A 159 12.36 14.83 -30.70
N ILE A 160 13.44 15.05 -29.92
CA ILE A 160 13.85 16.32 -29.38
C ILE A 160 15.23 16.54 -29.97
N PHE A 161 15.52 17.80 -30.37
CA PHE A 161 16.85 18.24 -30.71
C PHE A 161 17.13 19.38 -29.78
N TRP A 162 18.31 19.35 -29.10
CA TRP A 162 18.62 20.32 -28.08
C TRP A 162 20.11 20.54 -28.10
N THR A 163 20.53 21.81 -27.86
CA THR A 163 21.89 22.27 -27.89
C THR A 163 22.24 22.66 -26.48
N GLU A 164 23.48 22.34 -26.03
CA GLU A 164 23.99 22.65 -24.70
C GLU A 164 24.02 24.13 -24.42
N GLY A 165 23.80 24.50 -23.13
CA GLY A 165 23.84 25.86 -22.67
C GLY A 165 22.47 26.48 -22.70
N ASN A 166 21.42 25.65 -22.68
CA ASN A 166 20.05 26.07 -22.79
C ASN A 166 19.31 25.35 -21.70
N ALA A 167 18.05 25.79 -21.44
CA ALA A 167 17.18 25.20 -20.45
C ALA A 167 16.90 23.74 -20.76
N PRO A 168 16.91 22.81 -19.80
CA PRO A 168 16.54 21.40 -19.96
C PRO A 168 15.31 21.15 -20.81
N PRO A 169 15.25 20.26 -21.79
CA PRO A 169 14.09 20.18 -22.68
C PRO A 169 13.09 19.27 -22.04
N ARG A 170 11.78 19.50 -22.26
CA ARG A 170 10.77 18.64 -21.73
C ARG A 170 9.64 18.51 -22.69
N MET A 171 8.91 17.37 -22.57
CA MET A 171 7.78 17.03 -23.37
C MET A 171 6.84 16.34 -22.45
N SER A 172 5.52 16.56 -22.63
CA SER A 172 4.48 15.79 -21.97
C SER A 172 4.26 14.52 -22.74
N ILE A 173 3.78 13.49 -22.02
CA ILE A 173 3.44 12.20 -22.56
C ILE A 173 2.04 12.02 -22.01
N PRO A 174 1.07 11.46 -22.71
CA PRO A 174 -0.27 11.25 -22.17
C PRO A 174 -0.29 9.88 -21.55
N PHE A 175 -1.42 9.51 -20.91
CA PHE A 175 -1.70 8.17 -20.46
C PHE A 175 -1.77 7.28 -21.69
N MET A 176 -1.18 6.06 -21.65
CA MET A 176 -0.94 5.36 -22.88
C MET A 176 -0.85 3.88 -22.65
N SER A 177 -1.39 3.38 -21.51
CA SER A 177 -1.46 1.95 -21.24
C SER A 177 -2.52 1.36 -22.13
N ILE A 178 -2.37 0.05 -22.47
CA ILE A 178 -3.37 -0.73 -23.18
C ILE A 178 -4.60 -0.83 -22.31
N GLY A 179 -4.38 -1.06 -20.99
CA GLY A 179 -5.41 -1.08 -19.96
C GLY A 179 -5.90 0.30 -19.64
N ASN A 180 -6.76 0.38 -18.60
CA ASN A 180 -7.42 1.60 -18.21
C ASN A 180 -6.65 2.20 -17.05
N ALA A 181 -5.54 1.53 -16.64
CA ALA A 181 -4.59 2.09 -15.73
C ALA A 181 -3.34 1.28 -15.91
N TYR A 182 -2.17 1.88 -15.58
CA TYR A 182 -0.90 1.18 -15.49
C TYR A 182 -0.96 0.22 -14.34
N THR A 183 -0.23 -0.92 -14.45
CA THR A 183 -0.31 -1.99 -13.49
C THR A 183 1.05 -2.07 -12.86
N MET A 184 1.10 -1.85 -11.53
CA MET A 184 2.32 -1.83 -10.76
C MET A 184 2.68 -3.22 -10.31
N PHE A 185 1.67 -4.11 -10.17
CA PHE A 185 1.87 -5.45 -9.67
C PHE A 185 0.92 -6.30 -10.44
N TYR A 186 1.43 -7.43 -10.97
CA TYR A 186 0.67 -8.35 -11.76
C TYR A 186 1.03 -9.68 -11.16
N ASP A 187 0.00 -10.45 -10.75
CA ASP A 187 0.16 -11.69 -10.06
C ASP A 187 0.01 -12.82 -11.06
N GLY A 188 0.06 -12.49 -12.36
CA GLY A 188 -0.11 -13.42 -13.45
C GLY A 188 1.20 -13.71 -14.11
N TRP A 189 1.09 -14.34 -15.30
CA TRP A 189 2.17 -14.81 -16.13
C TRP A 189 1.83 -14.29 -17.49
N SER A 190 2.78 -14.41 -18.45
CA SER A 190 2.60 -13.92 -19.79
C SER A 190 2.07 -14.99 -20.70
N ASN A 191 1.99 -16.25 -20.20
CA ASN A 191 1.52 -17.39 -20.96
C ASN A 191 0.33 -17.92 -20.26
N PHE A 192 -0.59 -18.55 -21.03
CA PHE A 192 -1.76 -19.23 -20.55
C PHE A 192 -1.37 -20.54 -19.93
N SER A 193 -0.18 -21.06 -20.32
CA SER A 193 0.49 -22.20 -19.78
C SER A 193 0.85 -21.99 -18.33
N ARG A 194 1.22 -20.73 -18.00
CA ARG A 194 1.58 -20.22 -16.71
C ARG A 194 3.07 -20.34 -16.58
N ASP A 195 3.77 -20.11 -17.71
CA ASP A 195 5.20 -20.18 -17.84
C ASP A 195 5.63 -18.81 -18.28
N GLY A 196 6.93 -18.66 -18.63
CA GLY A 196 7.48 -17.41 -19.12
C GLY A 196 7.66 -16.44 -17.99
N ILE A 197 7.77 -15.14 -18.32
CA ILE A 197 7.90 -14.07 -17.35
C ILE A 197 6.69 -14.02 -16.45
N TYR A 198 6.95 -13.88 -15.13
CA TYR A 198 5.99 -13.74 -14.09
C TYR A 198 6.23 -12.37 -13.53
N GLY A 199 5.15 -11.63 -13.22
CA GLY A 199 5.23 -10.38 -12.53
C GLY A 199 4.82 -9.29 -13.46
N TYR A 200 5.08 -8.03 -13.05
CA TYR A 200 4.61 -6.83 -13.70
C TYR A 200 5.33 -6.58 -15.01
N ASN A 201 6.46 -7.29 -15.25
CA ASN A 201 7.32 -7.11 -16.38
C ASN A 201 6.72 -7.73 -17.62
N SER A 202 5.70 -8.60 -17.42
CA SER A 202 4.85 -9.15 -18.46
C SER A 202 4.15 -8.05 -19.22
N LEU A 203 3.69 -7.01 -18.50
CA LEU A 203 2.85 -5.96 -19.04
C LEU A 203 3.68 -4.76 -19.40
N ASN A 204 5.02 -4.84 -19.25
CA ASN A 204 5.91 -3.74 -19.54
C ASN A 204 6.31 -3.85 -20.99
N ASN A 205 6.10 -2.76 -21.75
CA ASN A 205 6.33 -2.73 -23.18
C ASN A 205 6.05 -1.30 -23.54
N MET A 206 7.00 -0.41 -23.20
CA MET A 206 6.82 1.03 -23.23
C MET A 206 7.79 1.67 -24.16
N GLY A 207 8.48 0.89 -25.03
CA GLY A 207 9.37 1.43 -26.03
C GLY A 207 10.74 1.66 -25.46
N THR A 208 11.59 2.40 -26.20
CA THR A 208 12.99 2.52 -25.91
C THR A 208 13.35 3.93 -26.32
N ILE A 209 14.17 4.62 -25.48
CA ILE A 209 14.75 5.91 -25.74
C ILE A 209 16.11 5.64 -26.30
N TYR A 210 16.55 6.43 -27.31
CA TYR A 210 17.87 6.39 -27.88
C TYR A 210 18.35 7.81 -27.85
N ALA A 211 19.67 8.02 -27.66
CA ALA A 211 20.20 9.36 -27.59
C ALA A 211 21.57 9.32 -28.19
N ARG A 212 21.93 10.34 -29.01
CA ARG A 212 23.21 10.41 -29.66
C ARG A 212 23.64 11.85 -29.66
N HIS A 213 24.93 12.08 -30.01
CA HIS A 213 25.40 13.37 -30.43
C HIS A 213 25.03 13.50 -31.88
N VAL A 214 24.60 14.71 -32.31
CA VAL A 214 24.21 14.95 -33.68
C VAL A 214 25.43 15.41 -34.42
N ASN A 215 26.33 16.14 -33.72
CA ASN A 215 27.61 16.58 -34.24
C ASN A 215 28.50 15.39 -34.49
N ASP A 216 29.32 15.48 -35.57
CA ASP A 216 30.36 14.53 -35.89
C ASP A 216 31.46 14.66 -34.88
N SER A 217 32.16 13.53 -34.57
CA SER A 217 33.21 13.46 -33.59
C SER A 217 34.39 14.36 -33.94
N SER A 218 35.01 14.94 -32.90
CA SER A 218 36.09 15.90 -32.99
C SER A 218 37.31 15.18 -32.46
N PRO A 219 38.56 15.67 -32.60
CA PRO A 219 39.76 14.86 -32.47
C PRO A 219 39.99 14.32 -31.08
N GLY A 220 39.45 14.98 -30.03
CA GLY A 220 39.56 14.56 -28.65
C GLY A 220 38.52 13.51 -28.39
N GLY A 221 37.78 13.65 -27.28
CA GLY A 221 36.62 12.83 -27.04
C GLY A 221 35.78 13.56 -26.04
N LEU A 222 34.45 13.46 -26.19
CA LEU A 222 33.49 13.95 -25.23
C LEU A 222 32.61 12.78 -24.93
N THR A 223 32.25 12.62 -23.63
CA THR A 223 31.21 11.72 -23.21
C THR A 223 30.12 12.61 -22.75
N SER A 224 28.87 12.27 -23.12
CA SER A 224 27.68 12.97 -22.71
C SER A 224 26.92 11.95 -21.92
N THR A 225 26.27 12.42 -20.84
CA THR A 225 25.43 11.62 -19.98
C THR A 225 24.13 12.36 -19.90
N ILE A 226 23.03 11.62 -20.06
CA ILE A 226 21.69 12.14 -20.10
C ILE A 226 20.96 11.48 -18.98
N ARG A 227 20.31 12.30 -18.13
CA ARG A 227 19.59 11.88 -16.95
C ARG A 227 18.16 12.16 -17.27
N ILE A 228 17.27 11.19 -17.00
CA ILE A 228 15.89 11.23 -17.44
C ILE A 228 15.10 11.36 -16.18
N TYR A 229 14.11 12.28 -16.18
CA TYR A 229 13.32 12.64 -15.03
C TYR A 229 11.88 12.51 -15.42
N PHE A 230 11.08 11.76 -14.62
CA PHE A 230 9.66 11.61 -14.87
C PHE A 230 8.95 12.29 -13.74
N LYS A 231 7.86 13.02 -14.05
CA LYS A 231 6.98 13.60 -13.06
C LYS A 231 5.59 13.15 -13.45
N PRO A 232 4.89 12.32 -12.68
CA PRO A 232 3.45 12.13 -12.78
C PRO A 232 2.64 13.42 -12.72
N LYS A 233 1.53 13.51 -13.48
CA LYS A 233 0.65 14.65 -13.47
C LYS A 233 -0.71 14.07 -13.69
N HIS A 234 -1.76 14.72 -13.15
CA HIS A 234 -3.14 14.40 -13.42
C HIS A 234 -3.47 13.00 -12.97
N VAL A 235 -3.11 12.67 -11.71
CA VAL A 235 -3.00 11.30 -11.28
C VAL A 235 -4.32 10.88 -10.68
N LYS A 236 -4.67 9.60 -10.89
CA LYS A 236 -5.66 8.90 -10.11
C LYS A 236 -5.01 7.59 -9.78
N ALA A 237 -5.06 7.18 -8.51
CA ALA A 237 -4.39 5.98 -8.06
C ALA A 237 -5.43 5.20 -7.34
N TYR A 238 -5.26 3.86 -7.27
CA TYR A 238 -6.30 2.96 -6.85
C TYR A 238 -5.60 1.86 -6.12
N VAL A 239 -6.28 1.31 -5.08
CA VAL A 239 -5.88 0.14 -4.33
C VAL A 239 -4.60 0.42 -3.57
N PRO A 240 -4.59 1.11 -2.42
CA PRO A 240 -3.40 1.32 -1.62
C PRO A 240 -2.75 0.03 -1.20
N ARG A 241 -1.40 0.05 -1.08
CA ARG A 241 -0.60 -1.09 -0.74
C ARG A 241 0.26 -0.63 0.40
N PRO A 242 0.85 -1.49 1.22
CA PRO A 242 1.95 -1.15 2.10
C PRO A 242 3.11 -0.52 1.38
N PRO A 243 3.81 0.49 1.90
CA PRO A 243 5.16 0.84 1.46
C PRO A 243 6.10 -0.33 1.61
N ARG A 244 7.14 -0.44 0.75
CA ARG A 244 8.17 -1.45 0.85
C ARG A 244 8.91 -1.45 2.16
N LEU A 245 9.30 -2.66 2.60
CA LEU A 245 10.02 -2.87 3.82
C LEU A 245 11.40 -3.26 3.42
N CYS A 246 11.51 -4.08 2.37
CA CYS A 246 12.75 -4.68 1.93
C CYS A 246 13.30 -3.87 0.80
N GLN A 247 14.65 -3.86 0.68
CA GLN A 247 15.37 -3.32 -0.43
C GLN A 247 15.14 -4.19 -1.64
N TYR A 248 15.11 -3.57 -2.85
CA TYR A 248 14.88 -4.28 -4.08
C TYR A 248 16.15 -4.93 -4.52
N LYS A 249 16.03 -5.92 -5.43
CA LYS A 249 17.13 -6.71 -5.92
C LYS A 249 17.22 -6.46 -7.40
N LYS A 250 16.06 -6.35 -8.08
CA LYS A 250 15.96 -6.47 -9.51
C LYS A 250 14.86 -5.57 -9.95
N ALA A 251 14.92 -5.13 -11.23
CA ALA A 251 14.04 -4.15 -11.80
C ALA A 251 12.92 -4.80 -12.57
N LYS A 252 12.81 -6.14 -12.51
CA LYS A 252 11.82 -6.89 -13.26
C LYS A 252 11.16 -7.88 -12.34
N ASN A 253 11.59 -7.95 -11.07
CA ASN A 253 11.12 -8.90 -10.09
C ASN A 253 10.94 -8.14 -8.82
N VAL A 254 10.22 -8.76 -7.85
CA VAL A 254 9.99 -8.20 -6.54
C VAL A 254 10.71 -9.01 -5.49
N ASN A 255 11.75 -9.80 -5.88
CA ASN A 255 12.19 -11.01 -5.20
C ASN A 255 12.55 -10.88 -3.73
N PHE A 256 13.24 -9.78 -3.33
CA PHE A 256 13.48 -9.36 -1.97
C PHE A 256 14.37 -10.31 -1.18
N ASP A 257 14.99 -9.79 -0.10
CA ASP A 257 15.67 -10.58 0.89
C ASP A 257 14.94 -10.30 2.17
N VAL A 258 14.76 -11.34 3.02
CA VAL A 258 14.09 -11.27 4.30
C VAL A 258 14.77 -10.27 5.18
N GLU A 259 14.00 -9.28 5.69
CA GLU A 259 14.52 -8.19 6.48
C GLU A 259 13.62 -7.97 7.65
N ALA A 260 14.20 -7.36 8.71
CA ALA A 260 13.57 -6.98 9.94
C ALA A 260 12.43 -6.02 9.74
N VAL A 261 11.36 -6.21 10.55
CA VAL A 261 10.16 -5.41 10.59
C VAL A 261 10.45 -4.00 11.03
N THR A 262 11.26 -3.87 12.11
CA THR A 262 11.56 -2.62 12.77
C THR A 262 12.95 -2.79 13.33
N THR A 263 13.48 -1.70 13.91
CA THR A 263 14.78 -1.66 14.55
C THR A 263 14.62 -2.11 16.00
N GLU A 264 15.75 -2.52 16.60
CA GLU A 264 15.88 -3.00 17.97
C GLU A 264 15.42 -2.02 19.02
N ARG A 265 14.98 -2.58 20.17
CA ARG A 265 14.91 -1.86 21.41
C ARG A 265 15.50 -2.76 22.45
N ALA A 266 16.00 -2.15 23.55
CA ALA A 266 16.58 -2.82 24.68
C ALA A 266 15.59 -3.69 25.41
N SER A 267 14.35 -3.18 25.61
CA SER A 267 13.33 -3.90 26.32
C SER A 267 12.01 -3.32 25.90
N LEU A 268 10.91 -3.89 26.45
CA LEU A 268 9.55 -3.44 26.29
C LEU A 268 9.33 -2.05 26.81
N VAL A 269 10.03 -1.67 27.91
CA VAL A 269 9.90 -0.37 28.53
C VAL A 269 11.15 0.39 28.20
N THR A 270 11.02 1.49 27.42
CA THR A 270 12.12 2.37 27.09
C THR A 270 11.58 3.76 27.24
N THR A 271 12.50 4.73 27.41
CA THR A 271 12.20 6.11 27.70
C THR A 271 13.00 6.92 26.67
N SER B 1 -29.74 -9.94 17.41
CA SER B 1 -28.27 -9.86 17.59
C SER B 1 -27.55 -9.68 16.28
N ASP B 2 -26.28 -9.22 16.36
CA ASP B 2 -25.47 -8.88 15.21
C ASP B 2 -24.55 -10.02 14.92
N ARG B 3 -24.66 -11.12 15.70
CA ARG B 3 -23.70 -12.19 15.68
C ARG B 3 -24.19 -13.28 14.76
N VAL B 4 -25.49 -13.25 14.41
CA VAL B 4 -26.13 -14.30 13.65
C VAL B 4 -26.33 -13.74 12.26
N ARG B 5 -25.98 -14.54 11.23
CA ARG B 5 -26.17 -14.14 9.87
C ARG B 5 -26.33 -15.37 9.02
N SER B 6 -27.01 -15.23 7.85
CA SER B 6 -27.04 -16.22 6.82
C SER B 6 -26.67 -15.52 5.54
N ILE B 7 -26.00 -16.24 4.61
CA ILE B 7 -25.74 -15.75 3.28
C ILE B 7 -26.23 -16.87 2.40
N THR B 8 -27.16 -16.57 1.47
CA THR B 8 -27.70 -17.54 0.54
C THR B 8 -27.24 -17.13 -0.83
N LEU B 9 -26.54 -18.04 -1.55
CA LEU B 9 -26.15 -17.83 -2.91
C LEU B 9 -26.33 -19.13 -3.60
N GLY B 10 -27.14 -19.12 -4.69
CA GLY B 10 -27.52 -20.29 -5.44
C GLY B 10 -28.29 -21.24 -4.60
N ASN B 11 -27.87 -22.52 -4.61
CA ASN B 11 -28.47 -23.60 -3.85
C ASN B 11 -27.66 -23.88 -2.62
N SER B 12 -26.79 -22.93 -2.21
CA SER B 12 -25.96 -23.07 -1.03
C SER B 12 -26.40 -22.02 -0.07
N THR B 13 -26.18 -22.26 1.25
CA THR B 13 -26.41 -21.28 2.27
C THR B 13 -25.45 -21.61 3.38
N ILE B 14 -24.94 -20.56 4.06
CA ILE B 14 -24.02 -20.68 5.15
C ILE B 14 -24.75 -20.02 6.29
N THR B 15 -24.55 -20.52 7.54
CA THR B 15 -25.07 -19.90 8.73
C THR B 15 -23.90 -19.63 9.65
N THR B 16 -23.97 -18.52 10.40
CA THR B 16 -23.03 -18.20 11.44
C THR B 16 -23.86 -17.79 12.62
N GLN B 17 -23.31 -17.96 13.84
CA GLN B 17 -23.93 -17.55 15.06
C GLN B 17 -22.94 -16.78 15.87
N GLU B 18 -21.69 -16.65 15.35
CA GLU B 18 -20.74 -15.70 15.84
C GLU B 18 -20.09 -15.18 14.60
N CYS B 19 -20.14 -13.86 14.38
CA CYS B 19 -19.50 -13.25 13.25
C CYS B 19 -19.26 -11.84 13.66
N ALA B 20 -18.25 -11.20 13.04
CA ALA B 20 -17.94 -9.82 13.28
C ALA B 20 -18.20 -9.06 12.03
N ASN B 21 -19.51 -8.90 11.70
CA ASN B 21 -19.99 -8.13 10.57
C ASN B 21 -19.56 -8.77 9.26
N VAL B 22 -19.71 -8.03 8.12
CA VAL B 22 -19.29 -8.43 6.81
C VAL B 22 -18.54 -7.26 6.31
N VAL B 23 -17.32 -7.48 5.75
CA VAL B 23 -16.53 -6.46 5.12
C VAL B 23 -16.85 -6.47 3.66
N VAL B 24 -17.25 -5.32 3.10
CA VAL B 24 -17.47 -5.16 1.68
C VAL B 24 -16.28 -4.35 1.26
N GLY B 25 -15.36 -5.00 0.50
CA GLY B 25 -14.05 -4.48 0.18
C GLY B 25 -14.16 -3.30 -0.73
N TYR B 26 -13.73 -2.12 -0.21
CA TYR B 26 -13.70 -0.85 -0.90
C TYR B 26 -15.07 -0.26 -1.06
N GLY B 27 -16.08 -0.83 -0.38
CA GLY B 27 -17.45 -0.35 -0.33
C GLY B 27 -18.20 -0.59 -1.61
N VAL B 28 -17.73 -1.56 -2.44
CA VAL B 28 -18.27 -1.81 -3.76
C VAL B 28 -18.72 -3.24 -3.71
N TRP B 29 -19.98 -3.48 -4.13
CA TRP B 29 -20.61 -4.77 -4.08
C TRP B 29 -20.54 -5.30 -5.50
N PRO B 30 -20.23 -6.59 -5.76
CA PRO B 30 -20.24 -7.23 -7.07
C PRO B 30 -21.41 -6.89 -7.98
N ASP B 31 -21.14 -6.73 -9.29
CA ASP B 31 -22.15 -6.43 -10.26
C ASP B 31 -21.61 -6.88 -11.59
N TYR B 32 -22.51 -7.06 -12.58
CA TYR B 32 -22.15 -7.28 -13.97
C TYR B 32 -21.56 -6.03 -14.58
N LEU B 33 -20.66 -6.22 -15.58
CA LEU B 33 -20.04 -5.18 -16.36
C LEU B 33 -21.08 -4.42 -17.14
N SER B 34 -20.93 -3.07 -17.20
CA SER B 34 -21.85 -2.18 -17.87
C SER B 34 -21.47 -2.08 -19.32
N ASP B 35 -22.35 -1.42 -20.12
CA ASP B 35 -22.18 -1.31 -21.56
C ASP B 35 -21.20 -0.21 -21.89
N GLU B 36 -20.90 0.66 -20.90
CA GLU B 36 -20.06 1.81 -21.09
C GLU B 36 -18.65 1.52 -20.67
N GLU B 37 -18.41 0.31 -20.09
CA GLU B 37 -17.11 -0.09 -19.60
C GLU B 37 -16.70 -1.35 -20.30
N ALA B 38 -17.53 -1.83 -21.26
CA ALA B 38 -17.30 -3.05 -21.99
C ALA B 38 -16.35 -2.79 -23.13
N THR B 39 -15.82 -3.88 -23.73
CA THR B 39 -14.89 -3.76 -24.83
C THR B 39 -14.92 -5.08 -25.59
N ALA B 40 -15.54 -6.14 -24.99
CA ALA B 40 -15.73 -7.40 -25.65
C ALA B 40 -17.13 -7.35 -26.20
N GLU B 41 -17.27 -7.59 -27.52
CA GLU B 41 -18.43 -7.16 -28.26
C GLU B 41 -19.41 -8.28 -28.43
N ASP B 42 -18.98 -9.54 -28.18
CA ASP B 42 -19.84 -10.70 -28.15
C ASP B 42 -20.69 -10.69 -26.91
N GLN B 43 -21.85 -11.36 -26.95
CA GLN B 43 -22.78 -11.50 -25.87
C GLN B 43 -22.15 -12.22 -24.70
N PRO B 44 -22.23 -11.77 -23.45
CA PRO B 44 -21.64 -12.48 -22.33
C PRO B 44 -22.62 -13.52 -21.85
N THR B 45 -22.12 -14.72 -21.46
CA THR B 45 -22.93 -15.73 -20.83
C THR B 45 -22.86 -15.40 -19.36
N GLN B 46 -23.99 -15.56 -18.65
CA GLN B 46 -24.06 -15.26 -17.24
C GLN B 46 -24.73 -16.49 -16.69
N PRO B 47 -24.02 -17.45 -16.08
CA PRO B 47 -24.64 -18.71 -15.69
C PRO B 47 -25.42 -18.59 -14.41
N ASP B 48 -25.39 -17.42 -13.73
CA ASP B 48 -26.14 -17.09 -12.55
C ASP B 48 -25.88 -18.09 -11.44
N VAL B 49 -26.92 -18.81 -10.96
CA VAL B 49 -26.91 -19.65 -9.78
C VAL B 49 -26.04 -20.87 -9.91
N ALA B 50 -25.68 -21.26 -11.15
CA ALA B 50 -24.96 -22.48 -11.43
C ALA B 50 -23.50 -22.33 -11.16
N THR B 51 -22.99 -21.07 -11.08
CA THR B 51 -21.59 -20.79 -10.86
C THR B 51 -21.45 -19.98 -9.60
N CYS B 52 -22.55 -19.34 -9.14
CA CYS B 52 -22.52 -18.44 -8.01
C CYS B 52 -23.23 -19.15 -6.91
N ARG B 53 -22.44 -19.57 -5.91
CA ARG B 53 -22.79 -20.59 -4.96
C ARG B 53 -21.50 -20.99 -4.32
N PHE B 54 -21.54 -21.24 -2.99
CA PHE B 54 -20.38 -21.55 -2.18
C PHE B 54 -19.72 -22.84 -2.58
N TYR B 55 -18.37 -22.82 -2.62
CA TYR B 55 -17.55 -23.96 -2.91
C TYR B 55 -16.59 -24.03 -1.77
N THR B 56 -16.62 -25.16 -1.03
CA THR B 56 -15.77 -25.39 0.12
C THR B 56 -14.47 -25.95 -0.37
N LEU B 57 -13.35 -25.35 0.09
CA LEU B 57 -12.00 -25.71 -0.29
C LEU B 57 -11.50 -26.69 0.74
N ASN B 58 -10.31 -27.28 0.49
CA ASN B 58 -9.66 -28.18 1.43
C ASN B 58 -9.24 -27.43 2.66
N SER B 59 -9.47 -28.05 3.85
CA SER B 59 -9.23 -27.45 5.14
C SER B 59 -7.77 -27.63 5.49
N VAL B 60 -7.28 -26.73 6.37
CA VAL B 60 -5.91 -26.69 6.80
C VAL B 60 -5.94 -26.83 8.29
N LYS B 61 -4.89 -27.46 8.88
CA LYS B 61 -4.80 -27.68 10.31
C LYS B 61 -4.04 -26.53 10.91
N TRP B 62 -4.68 -25.84 11.88
CA TRP B 62 -4.07 -24.78 12.64
C TRP B 62 -3.33 -25.42 13.79
N GLU B 63 -2.01 -25.15 13.86
CA GLU B 63 -1.10 -25.72 14.81
C GLU B 63 -0.51 -24.53 15.52
N MET B 64 0.23 -24.79 16.62
CA MET B 64 0.78 -23.73 17.44
C MET B 64 1.96 -23.05 16.78
N GLN B 65 2.59 -23.72 15.78
CA GLN B 65 3.76 -23.21 15.10
C GLN B 65 3.44 -22.89 13.68
N SER B 66 2.14 -22.90 13.27
CA SER B 66 1.70 -22.46 11.97
C SER B 66 1.97 -20.99 11.75
N ALA B 67 2.36 -20.64 10.51
CA ALA B 67 2.75 -19.30 10.16
C ALA B 67 1.82 -18.74 9.13
N GLY B 68 0.85 -19.55 8.62
CA GLY B 68 -0.18 -19.06 7.73
C GLY B 68 -0.26 -19.88 6.49
N TRP B 69 -1.25 -19.50 5.64
CA TRP B 69 -1.72 -20.25 4.51
C TRP B 69 -2.15 -19.23 3.51
N TRP B 70 -2.15 -19.56 2.20
CA TRP B 70 -2.70 -18.68 1.19
C TRP B 70 -3.29 -19.53 0.10
N TRP B 71 -4.34 -18.99 -0.57
CA TRP B 71 -4.96 -19.56 -1.73
C TRP B 71 -5.10 -18.42 -2.70
N LYS B 72 -4.69 -18.63 -3.97
CA LYS B 72 -4.85 -17.65 -5.02
C LYS B 72 -6.14 -17.92 -5.75
N PHE B 73 -6.80 -16.85 -6.25
CA PHE B 73 -8.07 -16.92 -6.94
C PHE B 73 -7.86 -16.24 -8.26
N PRO B 74 -8.50 -16.60 -9.38
CA PRO B 74 -9.50 -17.66 -9.52
C PRO B 74 -8.96 -19.07 -9.56
N ASP B 75 -7.68 -19.35 -9.22
CA ASP B 75 -7.07 -20.64 -9.52
C ASP B 75 -7.28 -21.63 -8.40
N ALA B 76 -8.10 -21.31 -7.38
CA ALA B 76 -8.48 -22.25 -6.35
C ALA B 76 -9.85 -22.80 -6.66
N LEU B 77 -10.50 -22.27 -7.71
CA LEU B 77 -11.85 -22.63 -8.09
C LEU B 77 -11.81 -23.12 -9.51
N SER B 78 -10.63 -23.50 -10.01
CA SER B 78 -10.41 -23.84 -11.40
C SER B 78 -10.94 -25.22 -11.72
N GLU B 79 -11.16 -26.06 -10.69
CA GLU B 79 -11.70 -27.39 -10.84
C GLU B 79 -13.02 -27.48 -10.12
N MET B 80 -13.58 -26.33 -9.66
CA MET B 80 -14.78 -26.31 -8.85
C MET B 80 -16.01 -26.09 -9.67
N GLY B 81 -16.84 -27.14 -9.79
CA GLY B 81 -18.15 -27.12 -10.40
C GLY B 81 -18.15 -26.60 -11.81
N LEU B 82 -19.21 -25.85 -12.17
CA LEU B 82 -19.34 -25.23 -13.46
C LEU B 82 -18.67 -23.89 -13.49
N PHE B 83 -18.20 -23.35 -12.34
CA PHE B 83 -17.37 -22.16 -12.31
C PHE B 83 -16.05 -22.46 -12.99
N GLY B 84 -15.49 -23.65 -12.71
CA GLY B 84 -14.22 -24.09 -13.23
C GLY B 84 -14.35 -24.54 -14.65
N GLN B 85 -15.53 -25.11 -15.03
CA GLN B 85 -15.81 -25.45 -16.41
C GLN B 85 -15.91 -24.26 -17.32
N ASN B 86 -16.52 -23.15 -16.86
CA ASN B 86 -16.65 -21.96 -17.67
C ASN B 86 -15.35 -21.22 -17.76
N MET B 87 -14.40 -21.45 -16.82
CA MET B 87 -13.03 -21.02 -17.00
C MET B 87 -12.33 -21.73 -18.13
N GLN B 88 -12.57 -23.05 -18.31
CA GLN B 88 -11.94 -23.86 -19.33
C GLN B 88 -12.26 -23.37 -20.73
N TYR B 89 -13.54 -23.03 -20.99
CA TYR B 89 -14.03 -22.80 -22.32
C TYR B 89 -14.02 -21.36 -22.71
N HIS B 90 -13.60 -20.42 -21.83
CA HIS B 90 -13.71 -19.02 -22.14
C HIS B 90 -12.39 -18.36 -21.92
N TYR B 91 -12.02 -17.50 -22.90
CA TYR B 91 -10.89 -16.60 -22.90
C TYR B 91 -10.97 -15.59 -21.78
N LEU B 92 -12.17 -15.01 -21.53
CA LEU B 92 -12.32 -13.97 -20.54
C LEU B 92 -13.32 -14.44 -19.52
N GLY B 93 -13.18 -13.90 -18.30
CA GLY B 93 -14.15 -14.05 -17.24
C GLY B 93 -14.03 -12.81 -16.41
N ARG B 94 -14.82 -12.73 -15.33
CA ARG B 94 -14.96 -11.51 -14.57
C ARG B 94 -15.93 -11.88 -13.50
N SER B 95 -15.49 -11.83 -12.22
CA SER B 95 -16.34 -12.24 -11.14
C SER B 95 -15.88 -11.55 -9.89
N GLY B 96 -16.86 -11.25 -9.00
CA GLY B 96 -16.64 -10.85 -7.63
C GLY B 96 -16.84 -12.09 -6.81
N TYR B 97 -16.70 -12.00 -5.47
CA TYR B 97 -16.67 -13.15 -4.61
C TYR B 97 -17.16 -12.73 -3.27
N THR B 98 -17.70 -13.70 -2.50
CA THR B 98 -17.84 -13.57 -1.07
C THR B 98 -17.05 -14.73 -0.55
N ILE B 99 -16.11 -14.44 0.38
CA ILE B 99 -15.16 -15.36 0.91
C ILE B 99 -15.57 -15.44 2.34
N HIS B 100 -15.72 -16.67 2.87
CA HIS B 100 -16.21 -16.90 4.19
C HIS B 100 -15.30 -17.91 4.83
N VAL B 101 -14.68 -17.55 5.97
CA VAL B 101 -13.70 -18.36 6.65
C VAL B 101 -14.38 -18.82 7.92
N GLN B 102 -14.17 -20.09 8.32
CA GLN B 102 -14.81 -20.71 9.45
C GLN B 102 -13.70 -21.28 10.27
N CYS B 103 -13.76 -21.09 11.60
CA CYS B 103 -12.77 -21.57 12.50
C CYS B 103 -13.34 -21.34 13.87
N ASN B 104 -14.06 -22.37 14.39
CA ASN B 104 -14.64 -22.36 15.70
C ASN B 104 -13.67 -22.99 16.67
N ALA B 105 -13.84 -22.66 17.96
CA ALA B 105 -13.06 -23.24 19.01
C ALA B 105 -13.86 -23.09 20.26
N SER B 106 -13.36 -23.69 21.37
CA SER B 106 -13.93 -23.57 22.69
C SER B 106 -13.50 -22.26 23.30
N LYS B 107 -14.01 -21.97 24.51
CA LYS B 107 -13.78 -20.73 25.21
C LYS B 107 -12.58 -20.86 26.10
N PHE B 108 -11.83 -21.98 25.97
CA PHE B 108 -10.65 -22.30 26.73
C PHE B 108 -9.50 -22.38 25.75
N HIS B 109 -9.72 -21.90 24.50
CA HIS B 109 -8.72 -21.84 23.46
C HIS B 109 -8.58 -20.38 23.13
N GLN B 110 -7.41 -20.01 22.56
CA GLN B 110 -7.06 -18.65 22.29
C GLN B 110 -6.24 -18.67 21.04
N GLY B 111 -6.28 -17.54 20.29
CA GLY B 111 -5.55 -17.40 19.07
C GLY B 111 -6.22 -16.31 18.30
N CYS B 112 -5.53 -15.77 17.27
CA CYS B 112 -6.03 -14.67 16.50
C CYS B 112 -5.45 -14.89 15.13
N LEU B 113 -6.29 -14.67 14.09
CA LEU B 113 -5.93 -14.85 12.71
C LEU B 113 -6.25 -13.55 12.05
N LEU B 114 -5.44 -13.18 11.03
CA LEU B 114 -5.75 -12.11 10.11
C LEU B 114 -6.25 -12.83 8.90
N VAL B 115 -7.38 -12.39 8.34
CA VAL B 115 -7.98 -12.94 7.15
C VAL B 115 -7.99 -11.74 6.25
N VAL B 116 -7.28 -11.79 5.11
CA VAL B 116 -7.08 -10.61 4.29
C VAL B 116 -7.07 -11.06 2.85
N CYS B 117 -7.76 -10.30 1.97
CA CYS B 117 -7.75 -10.52 0.54
C CYS B 117 -6.92 -9.41 -0.03
N VAL B 118 -5.78 -9.77 -0.67
CA VAL B 118 -4.79 -8.86 -1.17
C VAL B 118 -4.94 -8.84 -2.67
N PRO B 119 -5.39 -7.77 -3.35
CA PRO B 119 -5.31 -7.64 -4.80
C PRO B 119 -3.88 -7.67 -5.28
N GLU B 120 -3.61 -8.41 -6.38
CA GLU B 120 -2.35 -8.43 -7.08
C GLU B 120 -1.19 -8.77 -6.19
N ALA B 121 -1.25 -9.94 -5.53
CA ALA B 121 -0.29 -10.33 -4.53
C ALA B 121 0.83 -11.07 -5.19
N GLU B 122 1.61 -10.37 -6.05
CA GLU B 122 2.81 -10.85 -6.67
C GLU B 122 3.84 -11.14 -5.62
N MET B 123 4.51 -12.30 -5.71
CA MET B 123 5.34 -12.83 -4.64
C MET B 123 6.75 -12.95 -5.11
N GLY B 124 7.69 -12.82 -4.14
CA GLY B 124 9.10 -12.91 -4.38
C GLY B 124 9.56 -14.33 -4.52
N CYS B 125 10.90 -14.52 -4.49
CA CYS B 125 11.49 -15.78 -4.79
C CYS B 125 12.73 -15.83 -3.94
N THR B 126 13.09 -17.05 -3.52
CA THR B 126 14.26 -17.38 -2.74
C THR B 126 15.55 -17.00 -3.44
N ASN B 127 15.65 -17.28 -4.75
CA ASN B 127 16.79 -16.92 -5.56
C ASN B 127 16.37 -15.67 -6.27
N ALA B 128 17.30 -14.69 -6.39
CA ALA B 128 16.97 -13.36 -6.83
C ALA B 128 17.12 -13.24 -8.32
N GLU B 129 17.47 -14.34 -9.02
CA GLU B 129 17.67 -14.33 -10.46
C GLU B 129 16.49 -14.97 -11.13
N ASN B 130 15.53 -15.53 -10.35
CA ASN B 130 14.54 -16.45 -10.86
C ASN B 130 13.19 -15.99 -10.42
N ALA B 131 12.15 -16.44 -11.17
CA ALA B 131 10.77 -16.20 -10.87
C ALA B 131 10.28 -17.41 -10.12
N PRO B 132 9.38 -17.32 -9.15
CA PRO B 132 8.68 -18.46 -8.60
C PRO B 132 7.84 -19.17 -9.65
N THR B 133 7.76 -20.52 -9.57
CA THR B 133 7.03 -21.36 -10.50
C THR B 133 5.63 -21.55 -9.97
N TYR B 134 4.68 -21.93 -10.88
CA TYR B 134 3.26 -22.09 -10.62
C TYR B 134 2.93 -23.02 -9.48
N GLY B 135 3.71 -24.11 -9.30
CA GLY B 135 3.49 -25.10 -8.28
C GLY B 135 3.71 -24.56 -6.89
N ASP B 136 4.47 -23.45 -6.78
CA ASP B 136 4.84 -22.86 -5.52
C ASP B 136 3.98 -21.65 -5.25
N LEU B 137 3.33 -21.05 -6.30
CA LEU B 137 2.39 -19.97 -6.10
C LEU B 137 1.05 -20.51 -5.72
N CYS B 138 0.71 -21.76 -6.14
CA CYS B 138 -0.66 -22.21 -6.14
C CYS B 138 -0.64 -23.67 -5.84
N GLY B 139 -1.69 -24.11 -5.12
CA GLY B 139 -1.89 -25.48 -4.71
C GLY B 139 -3.28 -25.87 -5.14
N GLY B 140 -4.03 -24.92 -5.73
CA GLY B 140 -5.40 -25.10 -6.14
C GLY B 140 -6.29 -24.97 -4.95
N GLU B 141 -7.04 -26.04 -4.66
CA GLU B 141 -7.97 -26.12 -3.55
C GLU B 141 -7.21 -26.31 -2.26
N THR B 142 -5.96 -26.80 -2.36
CA THR B 142 -5.05 -26.99 -1.25
C THR B 142 -4.33 -25.68 -1.11
N ALA B 143 -4.01 -25.28 0.14
CA ALA B 143 -3.29 -24.06 0.41
C ALA B 143 -1.82 -24.27 0.31
N LYS B 144 -1.09 -23.18 -0.03
CA LYS B 144 0.34 -23.10 0.09
C LYS B 144 0.57 -22.49 1.44
N GLN B 145 1.72 -22.79 2.08
CA GLN B 145 1.97 -22.39 3.45
C GLN B 145 3.11 -21.45 3.54
N PHE B 146 2.92 -20.41 4.38
CA PHE B 146 3.97 -19.55 4.88
C PHE B 146 4.78 -20.31 5.89
N GLU B 147 6.04 -19.87 6.10
CA GLU B 147 6.94 -20.46 7.05
C GLU B 147 7.31 -19.35 7.99
N GLN B 148 7.71 -19.72 9.23
CA GLN B 148 8.07 -18.79 10.28
C GLN B 148 9.31 -18.01 9.96
N ASN B 149 10.30 -18.67 9.31
CA ASN B 149 11.61 -18.14 9.04
C ASN B 149 11.85 -18.30 7.57
N ALA B 150 12.93 -17.65 7.07
CA ALA B 150 13.32 -17.63 5.68
C ALA B 150 13.62 -19.01 5.15
N VAL B 151 13.27 -19.23 3.86
CA VAL B 151 13.45 -20.48 3.16
C VAL B 151 14.42 -20.23 2.05
N THR B 152 14.93 -21.33 1.45
CA THR B 152 15.88 -21.30 0.36
C THR B 152 15.34 -22.23 -0.70
N GLY B 153 15.90 -22.13 -1.93
CA GLY B 153 15.42 -22.84 -3.07
C GLY B 153 15.91 -22.09 -4.26
N GLU B 154 15.35 -22.41 -5.46
CA GLU B 154 15.76 -21.80 -6.70
C GLU B 154 14.56 -21.15 -7.29
N THR B 155 13.40 -21.86 -7.30
CA THR B 155 12.16 -21.35 -7.82
C THR B 155 11.13 -21.34 -6.72
N ALA B 156 11.55 -21.55 -5.46
CA ALA B 156 10.66 -21.53 -4.32
C ALA B 156 10.24 -20.12 -4.03
N VAL B 157 8.99 -19.92 -3.55
CA VAL B 157 8.51 -18.65 -3.07
C VAL B 157 9.24 -18.35 -1.78
N GLN B 158 9.69 -17.09 -1.58
CA GLN B 158 10.28 -16.67 -0.32
C GLN B 158 9.16 -16.51 0.66
N THR B 159 9.10 -17.40 1.67
CA THR B 159 8.05 -17.45 2.65
C THR B 159 8.69 -17.16 3.97
N ALA B 160 8.05 -16.24 4.71
CA ALA B 160 8.57 -15.70 5.94
C ALA B 160 7.56 -14.64 6.23
N VAL B 161 6.72 -14.85 7.27
CA VAL B 161 5.76 -13.87 7.71
C VAL B 161 6.49 -12.89 8.58
N CYS B 162 6.54 -11.66 8.05
CA CYS B 162 7.25 -10.50 8.51
C CYS B 162 7.34 -9.69 7.24
N ASN B 163 7.47 -10.41 6.09
CA ASN B 163 7.57 -9.83 4.78
C ASN B 163 6.31 -10.14 4.03
N ALA B 164 5.50 -11.12 4.51
CA ALA B 164 4.22 -11.51 3.97
C ALA B 164 4.33 -12.16 2.62
N GLY B 165 5.57 -12.57 2.22
CA GLY B 165 5.85 -13.17 0.94
C GLY B 165 5.83 -12.17 -0.18
N MET B 166 6.09 -10.87 0.10
CA MET B 166 5.88 -9.80 -0.86
C MET B 166 6.82 -8.66 -0.58
N GLY B 167 7.58 -8.72 0.54
CA GLY B 167 8.66 -7.78 0.82
C GLY B 167 8.17 -6.54 1.50
N VAL B 168 7.07 -6.66 2.29
CA VAL B 168 6.39 -5.54 2.90
C VAL B 168 6.12 -5.94 4.32
N GLY B 169 5.87 -4.97 5.24
CA GLY B 169 5.42 -5.28 6.59
C GLY B 169 4.15 -6.07 6.61
N VAL B 170 4.13 -7.19 7.38
CA VAL B 170 3.00 -8.09 7.44
C VAL B 170 1.88 -7.48 8.25
N GLY B 171 2.23 -6.48 9.11
CA GLY B 171 1.32 -5.77 9.97
C GLY B 171 0.58 -4.69 9.22
N ASN B 172 0.89 -4.48 7.92
CA ASN B 172 0.38 -3.38 7.15
C ASN B 172 -0.59 -3.92 6.12
N LEU B 173 -1.04 -5.19 6.27
CA LEU B 173 -1.98 -5.84 5.38
C LEU B 173 -3.34 -5.62 5.98
N THR B 174 -3.72 -4.33 6.14
CA THR B 174 -4.91 -3.92 6.83
C THR B 174 -5.50 -2.75 6.08
N ILE B 175 -4.86 -2.30 4.97
CA ILE B 175 -5.43 -1.36 4.02
C ILE B 175 -6.09 -2.14 2.91
N TYR B 176 -5.97 -3.49 2.97
CA TYR B 176 -6.60 -4.40 2.06
C TYR B 176 -7.83 -4.86 2.82
N PRO B 177 -8.94 -5.24 2.19
CA PRO B 177 -10.13 -5.76 2.85
C PRO B 177 -9.82 -6.94 3.73
N HIS B 178 -10.22 -6.88 5.02
CA HIS B 178 -9.72 -7.82 5.99
C HIS B 178 -10.69 -7.86 7.13
N GLN B 179 -10.65 -8.98 7.88
CA GLN B 179 -11.29 -9.14 9.15
C GLN B 179 -10.34 -9.98 9.95
N TRP B 180 -10.52 -10.04 11.28
CA TRP B 180 -9.74 -10.90 12.13
C TRP B 180 -10.70 -11.92 12.66
N ILE B 181 -10.20 -13.14 12.96
CA ILE B 181 -10.96 -14.14 13.66
C ILE B 181 -10.17 -14.31 14.93
N ASN B 182 -10.78 -13.90 16.05
CA ASN B 182 -10.21 -13.98 17.36
C ASN B 182 -11.13 -14.93 18.04
N LEU B 183 -10.59 -16.03 18.63
CA LEU B 183 -11.36 -17.17 19.07
C LEU B 183 -12.22 -16.89 20.28
N ARG B 184 -12.00 -15.74 20.96
CA ARG B 184 -12.75 -15.38 22.13
C ARG B 184 -13.89 -14.47 21.76
N THR B 185 -14.11 -14.21 20.44
CA THR B 185 -15.06 -13.23 19.97
C THR B 185 -15.91 -13.93 18.94
N ASN B 186 -15.33 -14.24 17.77
CA ASN B 186 -16.05 -14.66 16.59
C ASN B 186 -15.40 -15.92 16.11
N ASN B 187 -16.13 -16.70 15.28
CA ASN B 187 -15.63 -17.92 14.71
C ASN B 187 -15.65 -17.83 13.21
N SER B 188 -15.93 -16.64 12.63
CA SER B 188 -16.02 -16.53 11.19
C SER B 188 -15.65 -15.15 10.77
N ALA B 189 -15.09 -15.04 9.54
CA ALA B 189 -14.80 -13.82 8.86
C ALA B 189 -15.57 -13.87 7.58
N THR B 190 -15.98 -12.69 7.05
CA THR B 190 -16.60 -12.62 5.75
C THR B 190 -16.06 -11.38 5.10
N ILE B 191 -15.59 -11.53 3.85
CA ILE B 191 -15.11 -10.46 3.02
C ILE B 191 -15.92 -10.63 1.77
N VAL B 192 -16.40 -9.54 1.15
CA VAL B 192 -17.03 -9.55 -0.16
C VAL B 192 -16.10 -8.74 -1.02
N MET B 193 -15.39 -9.39 -1.95
CA MET B 193 -14.50 -8.74 -2.88
C MET B 193 -15.25 -8.39 -4.15
N PRO B 194 -15.36 -7.14 -4.60
CA PRO B 194 -15.72 -6.82 -5.98
C PRO B 194 -14.68 -7.35 -6.95
N TYR B 195 -14.96 -7.30 -8.27
CA TYR B 195 -13.98 -7.48 -9.30
C TYR B 195 -13.08 -6.27 -9.34
N ILE B 196 -11.75 -6.48 -9.21
CA ILE B 196 -10.80 -5.39 -9.16
C ILE B 196 -9.74 -5.76 -10.15
N ASN B 197 -9.59 -4.93 -11.21
CA ASN B 197 -8.53 -5.08 -12.16
C ASN B 197 -8.51 -3.76 -12.87
N SER B 198 -7.48 -3.51 -13.72
CA SER B 198 -7.37 -2.32 -14.52
C SER B 198 -7.82 -2.59 -15.94
N VAL B 199 -8.27 -3.82 -16.25
CA VAL B 199 -8.89 -4.15 -17.51
C VAL B 199 -10.26 -4.64 -17.14
N PRO B 200 -11.30 -4.51 -17.96
CA PRO B 200 -12.66 -4.81 -17.59
C PRO B 200 -12.89 -6.30 -17.44
N MET B 201 -12.15 -7.14 -18.19
CA MET B 201 -12.23 -8.58 -18.06
C MET B 201 -10.84 -9.07 -18.32
N ASP B 202 -10.52 -10.32 -17.89
CA ASP B 202 -9.21 -10.87 -18.08
C ASP B 202 -9.36 -12.37 -18.02
N ASN B 203 -8.38 -13.10 -18.60
CA ASN B 203 -8.24 -14.53 -18.56
C ASN B 203 -8.03 -15.00 -17.14
N MET B 204 -8.57 -16.20 -16.82
CA MET B 204 -8.80 -16.64 -15.48
C MET B 204 -7.73 -17.62 -15.04
N PHE B 205 -6.80 -18.01 -15.93
CA PHE B 205 -5.74 -18.94 -15.61
C PHE B 205 -4.42 -18.23 -15.64
N ARG B 206 -4.35 -17.13 -16.39
CA ARG B 206 -3.11 -16.44 -16.67
C ARG B 206 -2.93 -15.36 -15.66
N HIS B 207 -3.94 -15.12 -14.80
CA HIS B 207 -3.94 -13.98 -13.94
C HIS B 207 -4.69 -14.37 -12.70
N ASN B 208 -4.23 -13.85 -11.54
CA ASN B 208 -4.86 -14.07 -10.26
C ASN B 208 -5.21 -12.71 -9.73
N ASN B 209 -6.52 -12.44 -9.62
CA ASN B 209 -7.06 -11.16 -9.20
C ASN B 209 -6.70 -10.81 -7.79
N PHE B 210 -6.72 -11.79 -6.86
CA PHE B 210 -6.36 -11.56 -5.48
C PHE B 210 -6.01 -12.90 -4.88
N THR B 211 -5.39 -12.82 -3.69
CA THR B 211 -4.94 -13.94 -2.91
C THR B 211 -5.53 -13.73 -1.56
N LEU B 212 -6.12 -14.79 -0.97
CA LEU B 212 -6.59 -14.80 0.39
C LEU B 212 -5.47 -15.35 1.21
N MET B 213 -5.04 -14.61 2.25
CA MET B 213 -3.99 -15.01 3.13
C MET B 213 -4.63 -15.11 4.48
N ILE B 214 -4.25 -16.14 5.26
CA ILE B 214 -4.71 -16.32 6.61
C ILE B 214 -3.45 -16.49 7.38
N ILE B 215 -3.17 -15.60 8.35
CA ILE B 215 -1.89 -15.52 9.03
C ILE B 215 -2.21 -15.47 10.51
N PRO B 216 -1.82 -16.42 11.36
CA PRO B 216 -1.81 -16.28 12.81
C PRO B 216 -0.98 -15.14 13.31
N PHE B 217 -1.57 -14.19 14.08
CA PHE B 217 -0.82 -13.13 14.72
C PHE B 217 -0.72 -13.39 16.19
N ALA B 218 -1.58 -14.26 16.75
CA ALA B 218 -1.46 -14.71 18.11
C ALA B 218 -1.53 -16.20 17.95
N PRO B 219 -0.52 -16.99 18.33
CA PRO B 219 -0.49 -18.42 18.16
C PRO B 219 -1.67 -19.12 18.79
N LEU B 220 -2.07 -20.28 18.24
CA LEU B 220 -2.99 -21.20 18.86
C LEU B 220 -2.42 -21.69 20.16
N ASP B 221 -3.24 -21.73 21.23
CA ASP B 221 -2.76 -22.18 22.51
C ASP B 221 -3.96 -22.70 23.24
N TYR B 222 -3.76 -23.79 24.01
CA TYR B 222 -4.81 -24.40 24.78
C TYR B 222 -4.09 -25.30 25.74
N VAL B 223 -4.77 -25.68 26.84
CA VAL B 223 -4.22 -26.55 27.86
C VAL B 223 -4.48 -27.95 27.42
N THR B 224 -3.44 -28.83 27.55
CA THR B 224 -3.47 -30.21 27.12
C THR B 224 -4.51 -30.97 27.89
N GLY B 225 -5.51 -31.51 27.15
CA GLY B 225 -6.69 -32.13 27.70
C GLY B 225 -7.87 -31.50 27.02
N ALA B 226 -7.61 -30.64 26.02
CA ALA B 226 -8.60 -29.99 25.21
C ALA B 226 -8.33 -30.43 23.80
N SER B 227 -9.27 -30.10 22.87
CA SER B 227 -9.17 -30.45 21.46
C SER B 227 -7.92 -29.90 20.83
N SER B 228 -7.23 -30.76 20.05
CA SER B 228 -5.91 -30.49 19.56
C SER B 228 -5.93 -30.43 18.06
N TYR B 229 -7.11 -30.62 17.44
CA TYR B 229 -7.29 -30.51 16.02
C TYR B 229 -8.34 -29.45 15.88
N ILE B 230 -7.98 -28.37 15.17
CA ILE B 230 -8.85 -27.25 14.93
C ILE B 230 -8.63 -26.91 13.47
N PRO B 231 -9.60 -27.08 12.58
CA PRO B 231 -9.39 -26.82 11.17
C PRO B 231 -9.74 -25.38 10.90
N ILE B 232 -9.34 -24.89 9.71
CA ILE B 232 -9.77 -23.62 9.18
C ILE B 232 -10.28 -24.03 7.83
N THR B 233 -11.54 -23.65 7.51
CA THR B 233 -12.22 -24.04 6.31
C THR B 233 -12.50 -22.75 5.61
N VAL B 234 -12.34 -22.72 4.26
CA VAL B 234 -12.57 -21.55 3.47
C VAL B 234 -13.60 -21.97 2.47
N THR B 235 -14.76 -21.28 2.45
CA THR B 235 -15.87 -21.59 1.58
C THR B 235 -16.17 -20.29 0.90
N VAL B 236 -16.13 -20.28 -0.45
CA VAL B 236 -16.11 -19.07 -1.21
C VAL B 236 -17.02 -19.27 -2.39
N ALA B 237 -17.93 -18.29 -2.61
CA ALA B 237 -18.88 -18.30 -3.69
C ALA B 237 -18.52 -17.20 -4.65
N PRO B 238 -18.42 -17.44 -5.94
CA PRO B 238 -18.50 -16.44 -7.00
C PRO B 238 -19.76 -15.60 -6.93
N MET B 239 -19.73 -14.38 -7.48
CA MET B 239 -20.86 -13.50 -7.52
C MET B 239 -20.74 -12.77 -8.82
N SER B 240 -21.85 -12.68 -9.59
CA SER B 240 -21.95 -11.98 -10.86
C SER B 240 -20.91 -12.42 -11.85
N ALA B 241 -20.76 -13.77 -12.01
CA ALA B 241 -19.79 -14.35 -12.89
C ALA B 241 -20.32 -14.28 -14.29
N GLU B 242 -19.46 -13.87 -15.25
CA GLU B 242 -19.84 -13.77 -16.63
C GLU B 242 -18.57 -13.99 -17.39
N TYR B 243 -18.70 -14.44 -18.67
CA TYR B 243 -17.59 -14.92 -19.43
C TYR B 243 -17.83 -14.56 -20.85
N ASN B 244 -16.73 -14.31 -21.60
CA ASN B 244 -16.78 -13.93 -23.00
C ASN B 244 -15.66 -14.67 -23.66
N GLY B 245 -15.75 -14.86 -24.99
CA GLY B 245 -14.67 -15.40 -25.78
C GLY B 245 -14.70 -16.88 -25.76
N LEU B 246 -15.88 -17.48 -26.03
CA LEU B 246 -16.09 -18.92 -26.05
C LEU B 246 -15.27 -19.57 -27.15
N ARG B 247 -14.56 -20.67 -26.79
CA ARG B 247 -13.77 -21.46 -27.70
C ARG B 247 -13.60 -22.78 -26.99
N LEU B 248 -12.86 -23.73 -27.60
CA LEU B 248 -12.47 -25.01 -27.05
C LEU B 248 -11.76 -24.93 -25.71
N ALA B 249 -11.95 -25.98 -24.88
CA ALA B 249 -11.35 -26.12 -23.56
C ALA B 249 -9.85 -26.17 -23.60
N GLY B 250 -9.20 -25.67 -22.53
CA GLY B 250 -7.76 -25.73 -22.38
C GLY B 250 -7.29 -24.41 -21.90
N HIS B 251 -5.94 -24.26 -21.83
CA HIS B 251 -5.27 -23.09 -21.33
C HIS B 251 -3.81 -23.34 -21.49
N GLN B 252 -3.30 -23.09 -22.71
CA GLN B 252 -1.92 -23.30 -23.05
C GLN B 252 -1.56 -22.39 -24.23
N GLY C 1 10.03 42.11 -32.00
CA GLY C 1 8.84 41.57 -31.30
C GLY C 1 8.42 42.44 -30.16
N LEU C 2 7.54 41.90 -29.29
CA LEU C 2 7.09 42.50 -28.06
C LEU C 2 8.25 42.66 -27.09
N PRO C 3 8.56 43.83 -26.53
CA PRO C 3 9.62 44.00 -25.55
C PRO C 3 9.38 43.17 -24.30
N THR C 4 10.37 42.35 -23.90
CA THR C 4 10.28 41.45 -22.78
C THR C 4 11.64 41.51 -22.14
N MET C 5 11.75 41.04 -20.89
CA MET C 5 12.98 41.05 -20.16
C MET C 5 12.95 39.80 -19.35
N LEU C 6 14.08 39.06 -19.30
CA LEU C 6 14.18 37.82 -18.57
C LEU C 6 14.59 38.14 -17.17
N THR C 7 14.04 37.34 -16.22
CA THR C 7 14.14 37.57 -14.81
C THR C 7 14.80 36.33 -14.27
N PRO C 8 15.49 36.35 -13.12
CA PRO C 8 16.08 35.19 -12.45
C PRO C 8 15.27 33.92 -12.47
N GLY C 9 15.89 32.78 -12.82
CA GLY C 9 15.24 31.48 -12.86
C GLY C 9 14.57 31.26 -14.19
N SER C 10 15.15 31.82 -15.28
CA SER C 10 14.52 31.78 -16.58
C SER C 10 14.73 30.45 -17.29
N THR C 11 15.83 29.73 -16.95
CA THR C 11 16.20 28.50 -17.63
C THR C 11 16.31 27.36 -16.66
N GLN C 12 15.97 27.58 -15.36
CA GLN C 12 16.07 26.59 -14.33
C GLN C 12 15.11 25.45 -14.57
N PHE C 13 15.48 24.26 -14.09
CA PHE C 13 14.59 23.14 -13.96
C PHE C 13 14.44 22.92 -12.49
N LEU C 14 13.28 23.36 -11.94
CA LEU C 14 12.89 23.14 -10.59
C LEU C 14 12.03 21.91 -10.64
N THR C 15 12.16 21.00 -9.66
CA THR C 15 11.58 19.67 -9.76
C THR C 15 10.22 19.68 -9.11
N SER C 16 9.83 20.83 -8.50
CA SER C 16 8.59 21.00 -7.81
C SER C 16 7.76 22.03 -8.51
N ASP C 17 8.16 22.44 -9.74
CA ASP C 17 7.40 23.37 -10.55
C ASP C 17 6.26 22.64 -11.21
N ASP C 18 5.28 23.41 -11.73
CA ASP C 18 4.32 22.87 -12.65
C ASP C 18 4.17 23.90 -13.72
N PHE C 19 4.51 23.49 -14.96
CA PHE C 19 4.44 24.31 -16.14
C PHE C 19 3.88 23.41 -17.20
N GLN C 20 3.42 24.03 -18.30
CA GLN C 20 2.89 23.35 -19.45
C GLN C 20 4.03 23.10 -20.39
N SER C 21 3.94 22.00 -21.16
CA SER C 21 4.97 21.61 -22.09
C SER C 21 4.26 20.91 -23.22
N PRO C 22 4.67 21.05 -24.48
CA PRO C 22 4.08 20.33 -25.61
C PRO C 22 4.09 18.83 -25.46
N SER C 23 2.99 18.16 -25.87
CA SER C 23 2.88 16.73 -25.88
C SER C 23 3.67 16.19 -27.04
N ALA C 24 4.23 14.98 -26.89
CA ALA C 24 5.04 14.32 -27.88
C ALA C 24 4.22 13.32 -28.64
N MET C 25 2.91 13.21 -28.31
CA MET C 25 1.97 12.43 -29.06
C MET C 25 0.76 13.31 -29.20
N PRO C 26 0.75 14.34 -30.05
CA PRO C 26 -0.40 15.22 -30.25
C PRO C 26 -1.60 14.46 -30.76
N GLN C 27 -2.76 14.64 -30.09
CA GLN C 27 -4.07 14.18 -30.50
C GLN C 27 -4.23 12.71 -30.18
N PHE C 28 -3.40 12.19 -29.25
CA PHE C 28 -3.45 10.83 -28.77
C PHE C 28 -4.74 10.62 -28.02
N ASP C 29 -5.41 9.47 -28.27
CA ASP C 29 -6.69 9.17 -27.70
C ASP C 29 -6.41 8.18 -26.60
N VAL C 30 -6.66 8.60 -25.34
CA VAL C 30 -6.38 7.83 -24.15
C VAL C 30 -7.47 6.80 -24.00
N THR C 31 -7.20 5.70 -23.26
CA THR C 31 -8.16 4.68 -22.92
C THR C 31 -9.25 5.32 -22.09
N PRO C 32 -10.54 5.03 -22.26
CA PRO C 32 -11.60 5.39 -21.33
C PRO C 32 -11.32 5.01 -19.90
N GLU C 33 -11.73 5.86 -18.93
CA GLU C 33 -11.75 5.53 -17.54
C GLU C 33 -12.83 4.51 -17.25
N MET C 34 -12.60 3.69 -16.22
CA MET C 34 -13.64 2.86 -15.66
C MET C 34 -13.41 2.98 -14.18
N ASN C 35 -14.43 2.59 -13.40
CA ASN C 35 -14.36 2.58 -11.96
C ASN C 35 -13.55 1.38 -11.55
N ILE C 36 -12.45 1.65 -10.81
CA ILE C 36 -11.61 0.64 -10.23
C ILE C 36 -11.85 0.87 -8.76
N PRO C 37 -12.42 -0.05 -7.98
CA PRO C 37 -12.55 0.03 -6.53
C PRO C 37 -11.33 0.51 -5.79
N GLY C 38 -11.53 1.37 -4.77
CA GLY C 38 -10.48 1.71 -3.82
C GLY C 38 -9.65 2.86 -4.26
N GLN C 39 -10.24 3.86 -4.98
CA GLN C 39 -9.54 5.06 -5.37
C GLN C 39 -9.04 5.85 -4.18
N VAL C 40 -7.73 6.19 -4.23
CA VAL C 40 -7.03 6.95 -3.22
C VAL C 40 -6.98 8.35 -3.78
N ARG C 41 -7.16 9.37 -2.92
CA ARG C 41 -7.09 10.75 -3.33
C ARG C 41 -6.20 11.49 -2.38
N ASN C 42 -5.81 10.85 -1.25
CA ASN C 42 -5.08 11.51 -0.21
C ASN C 42 -4.41 10.39 0.54
N LEU C 43 -3.28 10.68 1.22
CA LEU C 43 -2.51 9.69 1.95
C LEU C 43 -2.95 9.66 3.38
N MET C 44 -3.98 10.45 3.73
CA MET C 44 -4.58 10.47 5.04
C MET C 44 -5.78 9.56 4.99
N GLU C 45 -5.95 8.80 3.89
CA GLU C 45 -6.96 7.78 3.73
C GLU C 45 -6.29 6.44 3.93
N ILE C 46 -4.96 6.46 4.18
CA ILE C 46 -4.12 5.29 4.34
C ILE C 46 -3.63 5.37 5.75
N ALA C 47 -3.43 6.61 6.26
CA ALA C 47 -2.92 6.87 7.58
C ALA C 47 -3.98 6.71 8.64
N GLU C 48 -5.28 6.80 8.26
CA GLU C 48 -6.39 6.71 9.18
C GLU C 48 -6.87 5.28 9.28
N VAL C 49 -6.19 4.33 8.60
CA VAL C 49 -6.49 2.93 8.68
C VAL C 49 -5.53 2.35 9.69
N ASP C 50 -6.03 1.45 10.57
CA ASP C 50 -5.28 0.72 11.56
C ASP C 50 -4.17 -0.08 10.93
N SER C 51 -3.09 -0.27 11.70
CA SER C 51 -1.96 -1.02 11.25
C SER C 51 -1.40 -1.57 12.52
N VAL C 52 -1.05 -2.87 12.52
CA VAL C 52 -0.48 -3.56 13.66
C VAL C 52 0.87 -2.97 13.96
N VAL C 53 1.17 -2.78 15.27
CA VAL C 53 2.27 -2.01 15.77
C VAL C 53 3.20 -3.02 16.36
N PRO C 54 4.50 -3.02 16.06
CA PRO C 54 5.42 -3.95 16.67
C PRO C 54 5.93 -3.33 17.96
N ILE C 55 5.28 -3.68 19.09
CA ILE C 55 5.57 -3.18 20.42
C ILE C 55 6.51 -4.10 21.15
N ASN C 56 6.99 -5.17 20.50
CA ASN C 56 7.80 -6.19 21.14
C ASN C 56 8.91 -6.45 20.17
N ASN C 57 9.59 -5.35 19.76
CA ASN C 57 10.57 -5.36 18.69
C ASN C 57 11.94 -5.41 19.30
N LEU C 58 12.22 -6.51 20.02
CA LEU C 58 13.52 -6.81 20.57
C LEU C 58 14.27 -7.54 19.49
N GLN C 59 15.59 -7.73 19.68
CA GLN C 59 16.50 -8.26 18.68
C GLN C 59 16.15 -9.61 18.11
N ALA C 60 15.61 -10.53 18.95
CA ALA C 60 15.25 -11.87 18.55
C ALA C 60 13.94 -11.91 17.80
N ASN C 61 13.10 -10.86 17.94
CA ASN C 61 11.71 -10.92 17.55
C ASN C 61 11.47 -10.21 16.24
N LEU C 62 12.52 -9.59 15.65
CA LEU C 62 12.39 -8.71 14.50
C LEU C 62 11.88 -9.37 13.25
N LYS C 63 12.33 -10.60 12.94
CA LYS C 63 11.98 -11.31 11.72
C LYS C 63 10.91 -12.35 11.95
N THR C 64 10.22 -12.29 13.11
CA THR C 64 9.25 -13.27 13.51
C THR C 64 7.98 -12.50 13.77
N MET C 65 6.90 -13.23 14.18
CA MET C 65 5.59 -12.66 14.41
C MET C 65 5.46 -12.28 15.86
N GLU C 66 6.52 -12.55 16.67
CA GLU C 66 6.64 -12.12 18.06
C GLU C 66 6.65 -10.62 18.18
N ALA C 67 7.15 -9.91 17.13
CA ALA C 67 7.25 -8.48 17.08
C ALA C 67 5.97 -7.76 17.38
N TYR C 68 4.82 -8.32 16.95
CA TYR C 68 3.54 -7.66 16.95
C TYR C 68 2.69 -8.04 18.13
N ARG C 69 3.25 -8.70 19.16
CA ARG C 69 2.45 -9.18 20.24
C ARG C 69 3.27 -9.14 21.50
N VAL C 70 2.65 -8.73 22.62
CA VAL C 70 3.29 -8.58 23.90
C VAL C 70 2.51 -9.47 24.82
N GLN C 71 3.22 -10.40 25.50
CA GLN C 71 2.64 -11.32 26.43
C GLN C 71 2.20 -10.63 27.68
N VAL C 72 1.11 -11.16 28.28
CA VAL C 72 0.48 -10.61 29.44
C VAL C 72 0.01 -11.86 30.12
N ARG C 73 0.02 -11.91 31.48
CA ARG C 73 -0.14 -13.17 32.16
C ARG C 73 -0.85 -12.94 33.45
N SER C 74 -1.10 -14.06 34.17
CA SER C 74 -1.67 -14.07 35.49
C SER C 74 -0.51 -14.02 36.42
N THR C 75 -0.34 -12.87 37.11
CA THR C 75 0.79 -12.56 37.93
C THR C 75 0.46 -12.95 39.35
N ASP C 76 1.50 -13.12 40.18
CA ASP C 76 1.35 -13.52 41.56
C ASP C 76 1.47 -12.31 42.45
N GLU C 77 1.70 -11.12 41.83
CA GLU C 77 1.77 -9.84 42.47
C GLU C 77 0.76 -9.03 41.71
N MET C 78 0.80 -7.68 41.82
CA MET C 78 -0.03 -6.79 41.04
C MET C 78 0.30 -6.88 39.57
N GLY C 79 1.61 -6.96 39.26
CA GLY C 79 2.15 -6.88 37.92
C GLY C 79 2.49 -5.45 37.65
N GLY C 80 3.67 -5.23 37.03
CA GLY C 80 4.25 -3.92 36.85
C GLY C 80 3.78 -3.29 35.58
N GLN C 81 4.75 -2.70 34.85
CA GLN C 81 4.53 -2.09 33.56
C GLN C 81 4.65 -3.20 32.56
N ILE C 82 3.83 -3.13 31.48
CA ILE C 82 3.76 -4.15 30.46
C ILE C 82 4.65 -3.69 29.34
N PHE C 83 4.55 -2.40 28.95
CA PHE C 83 5.43 -1.82 27.98
C PHE C 83 5.37 -0.34 28.18
N GLY C 84 6.30 0.40 27.53
CA GLY C 84 6.19 1.82 27.40
C GLY C 84 7.19 2.22 26.37
N PHE C 85 6.87 3.28 25.60
CA PHE C 85 7.75 3.75 24.57
C PHE C 85 7.52 5.24 24.47
N PRO C 86 8.51 6.06 24.13
CA PRO C 86 8.31 7.45 23.77
C PRO C 86 7.42 7.60 22.56
N LEU C 87 6.30 8.36 22.68
CA LEU C 87 5.48 8.75 21.56
C LEU C 87 6.29 9.63 20.65
N GLN C 88 6.13 9.40 19.33
CA GLN C 88 6.79 10.10 18.26
C GLN C 88 6.55 9.19 17.08
N PRO C 89 5.48 9.35 16.30
CA PRO C 89 4.97 8.29 15.44
C PRO C 89 5.77 8.12 14.16
N GLY C 90 6.89 8.85 13.99
CA GLY C 90 7.65 8.86 12.77
C GLY C 90 9.10 8.62 13.07
N ALA C 91 9.50 8.60 14.35
CA ALA C 91 10.89 8.50 14.74
C ALA C 91 11.09 7.39 15.73
N SER C 92 9.99 6.81 16.28
CA SER C 92 10.07 5.77 17.28
C SER C 92 10.24 4.49 16.53
N SER C 93 11.02 3.54 17.10
CA SER C 93 11.27 2.23 16.54
C SER C 93 9.97 1.48 16.41
N VAL C 94 9.11 1.61 17.44
CA VAL C 94 7.81 1.02 17.57
C VAL C 94 6.85 1.44 16.47
N LEU C 95 6.79 2.74 16.12
CA LEU C 95 5.68 3.27 15.34
C LEU C 95 6.03 3.66 13.93
N GLN C 96 7.30 3.55 13.47
CA GLN C 96 7.69 4.27 12.27
C GLN C 96 7.64 3.42 11.03
N ARG C 97 7.37 2.10 11.15
CA ARG C 97 7.29 1.21 10.00
C ARG C 97 5.88 0.69 9.88
N THR C 98 4.90 1.33 10.58
CA THR C 98 3.49 1.09 10.45
C THR C 98 3.03 1.90 9.28
N LEU C 99 1.73 1.76 8.85
CA LEU C 99 1.17 2.54 7.76
C LEU C 99 1.20 4.02 8.05
N LEU C 100 0.84 4.42 9.29
CA LEU C 100 0.89 5.79 9.75
C LEU C 100 2.30 6.33 9.72
N GLY C 101 3.27 5.50 10.16
CA GLY C 101 4.65 5.91 10.30
C GLY C 101 5.43 5.96 9.02
N GLU C 102 5.01 5.25 7.96
CA GLU C 102 5.73 5.26 6.70
C GLU C 102 5.14 6.27 5.77
N ILE C 103 3.89 6.74 6.04
CA ILE C 103 3.34 7.88 5.36
C ILE C 103 3.90 9.12 6.00
N LEU C 104 4.36 9.04 7.28
CA LEU C 104 4.97 10.15 7.97
C LEU C 104 6.38 10.44 7.54
N ASN C 105 7.11 9.44 6.99
CA ASN C 105 8.51 9.59 6.67
C ASN C 105 8.70 10.02 5.23
N TYR C 106 7.63 10.55 4.60
CA TYR C 106 7.70 11.27 3.36
C TYR C 106 7.44 12.72 3.65
N TYR C 107 7.33 13.12 4.94
CA TYR C 107 6.99 14.46 5.34
C TYR C 107 7.86 14.81 6.50
N THR C 108 7.97 16.13 6.79
CA THR C 108 8.84 16.65 7.80
C THR C 108 8.01 17.15 8.96
N HIS C 109 6.68 17.31 8.78
CA HIS C 109 5.84 17.86 9.82
C HIS C 109 4.64 17.00 9.92
N TRP C 110 3.95 17.10 11.07
CA TRP C 110 2.75 16.36 11.34
C TRP C 110 2.06 17.11 12.44
N SER C 111 0.74 16.90 12.57
CA SER C 111 -0.03 17.42 13.67
C SER C 111 -1.24 16.57 13.78
N GLY C 112 -1.88 16.63 14.97
CA GLY C 112 -3.17 16.02 15.21
C GLY C 112 -3.02 14.85 16.11
N SER C 113 -4.18 14.31 16.50
CA SER C 113 -4.33 13.23 17.44
C SER C 113 -4.27 11.95 16.70
N LEU C 114 -3.84 10.88 17.41
CA LEU C 114 -3.76 9.56 16.86
C LEU C 114 -4.37 8.69 17.91
N LYS C 115 -4.73 7.44 17.53
CA LYS C 115 -5.48 6.55 18.37
C LYS C 115 -4.84 5.21 18.33
N LEU C 116 -4.48 4.69 19.52
CA LEU C 116 -3.88 3.40 19.71
C LEU C 116 -4.96 2.46 20.18
N THR C 117 -5.33 1.48 19.33
CA THR C 117 -6.32 0.48 19.67
C THR C 117 -5.53 -0.68 20.20
N PHE C 118 -6.09 -1.43 21.16
CA PHE C 118 -5.46 -2.57 21.79
C PHE C 118 -6.48 -3.64 21.72
N VAL C 119 -6.05 -4.92 21.62
CA VAL C 119 -6.96 -6.04 21.52
C VAL C 119 -6.37 -7.11 22.39
N PHE C 120 -7.23 -7.77 23.19
CA PHE C 120 -6.86 -8.86 24.05
C PHE C 120 -7.14 -10.09 23.22
N CYS C 121 -6.16 -11.02 23.16
CA CYS C 121 -6.19 -12.18 22.31
C CYS C 121 -6.02 -13.38 23.20
N GLY C 122 -6.59 -13.31 24.42
CA GLY C 122 -6.63 -14.42 25.35
C GLY C 122 -7.77 -15.33 25.04
N SER C 123 -8.21 -16.08 26.07
CA SER C 123 -9.35 -16.96 26.02
C SER C 123 -10.55 -16.13 26.34
N ALA C 124 -11.78 -16.70 26.20
CA ALA C 124 -13.01 -16.01 26.48
C ALA C 124 -13.36 -16.23 27.93
N MET C 125 -12.53 -17.02 28.64
CA MET C 125 -12.66 -17.30 30.05
C MET C 125 -11.62 -16.49 30.79
N ALA C 126 -10.74 -15.79 30.05
CA ALA C 126 -9.72 -14.93 30.60
C ALA C 126 -10.27 -13.53 30.55
N THR C 127 -9.97 -12.72 31.58
CA THR C 127 -10.49 -11.39 31.71
C THR C 127 -9.46 -10.64 32.51
N GLY C 128 -9.34 -9.31 32.28
CA GLY C 128 -8.35 -8.51 32.93
C GLY C 128 -8.77 -7.08 32.86
N LYS C 129 -7.97 -6.19 33.47
CA LYS C 129 -8.14 -4.77 33.38
C LYS C 129 -6.76 -4.18 33.33
N PHE C 130 -6.60 -3.14 32.49
CA PHE C 130 -5.33 -2.55 32.16
C PHE C 130 -5.50 -1.07 32.16
N LEU C 131 -4.41 -0.34 32.48
CA LEU C 131 -4.37 1.10 32.48
C LEU C 131 -3.53 1.46 31.29
N LEU C 132 -4.15 2.12 30.29
CA LEU C 132 -3.50 2.56 29.08
C LEU C 132 -3.28 4.02 29.29
N ALA C 133 -2.01 4.50 29.25
CA ALA C 133 -1.70 5.86 29.66
C ALA C 133 -0.91 6.58 28.61
N TYR C 134 -1.16 7.90 28.50
CA TYR C 134 -0.38 8.86 27.75
C TYR C 134 0.03 9.90 28.76
N SER C 135 1.32 10.29 28.78
CA SER C 135 1.82 11.36 29.60
C SER C 135 2.40 12.38 28.67
N PRO C 136 1.91 13.63 28.58
CA PRO C 136 2.60 14.74 27.95
C PRO C 136 4.01 14.95 28.51
N PRO C 137 4.99 15.51 27.81
CA PRO C 137 6.38 15.44 28.21
C PRO C 137 6.70 16.56 29.15
N GLY C 138 7.87 16.48 29.81
CA GLY C 138 8.42 17.53 30.63
C GLY C 138 8.49 17.07 32.05
N ALA C 139 8.50 15.74 32.26
CA ALA C 139 8.50 15.16 33.58
C ALA C 139 8.88 13.72 33.41
N GLY C 140 9.33 13.32 32.20
CA GLY C 140 9.81 11.99 31.87
C GLY C 140 8.69 10.99 31.84
N ALA C 141 9.05 9.73 31.48
CA ALA C 141 8.14 8.61 31.47
C ALA C 141 7.69 8.26 32.87
N PRO C 142 6.45 7.87 33.12
CA PRO C 142 5.98 7.45 34.44
C PRO C 142 6.66 6.16 34.84
N ASP C 143 7.11 6.04 36.11
CA ASP C 143 7.87 4.92 36.59
C ASP C 143 7.05 4.18 37.61
N SER C 144 5.78 4.58 37.79
CA SER C 144 4.85 3.91 38.66
C SER C 144 3.53 4.03 37.98
N ARG C 145 2.55 3.20 38.42
CA ARG C 145 1.21 3.24 37.93
C ARG C 145 0.50 4.46 38.46
N LYS C 146 0.93 4.95 39.65
CA LYS C 146 0.48 6.17 40.27
C LYS C 146 0.75 7.37 39.41
N ASN C 147 1.96 7.46 38.81
CA ASN C 147 2.37 8.57 38.01
C ASN C 147 1.77 8.49 36.62
N ALA C 148 1.35 7.27 36.20
CA ALA C 148 0.79 7.06 34.89
C ALA C 148 -0.65 7.48 34.83
N MET C 149 -1.35 7.53 36.00
CA MET C 149 -2.75 7.84 36.04
C MET C 149 -2.96 9.29 36.36
N LEU C 150 -1.86 10.07 36.52
CA LEU C 150 -1.91 11.51 36.60
C LEU C 150 -2.00 12.08 35.22
N GLY C 151 -1.55 11.31 34.19
CA GLY C 151 -1.68 11.66 32.81
C GLY C 151 -3.04 11.34 32.29
N THR C 152 -3.21 11.43 30.96
CA THR C 152 -4.37 11.00 30.21
C THR C 152 -4.41 9.49 30.25
N HIS C 153 -5.60 8.87 30.47
CA HIS C 153 -5.63 7.44 30.50
C HIS C 153 -7.02 6.98 30.21
N VAL C 154 -7.13 5.71 29.77
CA VAL C 154 -8.36 4.97 29.62
C VAL C 154 -8.11 3.71 30.38
N ILE C 155 -9.01 3.35 31.32
CA ILE C 155 -9.00 2.06 31.98
C ILE C 155 -9.81 1.12 31.12
N TRP C 156 -9.15 0.09 30.58
CA TRP C 156 -9.70 -0.90 29.69
C TRP C 156 -10.22 -2.03 30.53
N ASP C 157 -11.47 -2.46 30.22
CA ASP C 157 -12.11 -3.58 30.84
C ASP C 157 -12.32 -4.57 29.73
N VAL C 158 -11.75 -5.79 29.87
CA VAL C 158 -11.85 -6.85 28.90
C VAL C 158 -13.20 -7.50 29.07
N GLY C 159 -13.94 -7.66 27.96
CA GLY C 159 -15.28 -8.19 28.00
C GLY C 159 -15.57 -8.73 26.64
N LEU C 160 -16.86 -8.68 26.22
CA LEU C 160 -17.32 -9.08 24.90
C LEU C 160 -16.67 -8.26 23.83
N GLN C 161 -16.58 -6.92 24.09
CA GLN C 161 -15.88 -5.99 23.24
C GLN C 161 -14.42 -6.24 23.52
N SER C 162 -13.65 -6.60 22.48
CA SER C 162 -12.39 -7.26 22.67
C SER C 162 -11.29 -6.24 22.68
N SER C 163 -11.62 -4.96 22.35
CA SER C 163 -10.64 -3.96 22.07
C SER C 163 -11.04 -2.71 22.78
N CYS C 164 -10.05 -1.83 23.03
CA CYS C 164 -10.27 -0.57 23.68
C CYS C 164 -9.29 0.36 23.08
N VAL C 165 -9.74 1.61 22.81
CA VAL C 165 -8.94 2.63 22.20
C VAL C 165 -8.51 3.58 23.27
N LEU C 166 -7.19 3.85 23.33
CA LEU C 166 -6.61 4.97 24.02
C LEU C 166 -6.39 5.96 22.93
N CYS C 167 -7.21 7.04 22.90
CA CYS C 167 -7.01 8.11 21.99
C CYS C 167 -6.08 9.04 22.72
N VAL C 168 -4.98 9.42 22.04
CA VAL C 168 -3.93 10.23 22.59
C VAL C 168 -4.06 11.58 21.94
N PRO C 169 -4.35 12.67 22.66
CA PRO C 169 -4.76 13.93 22.08
C PRO C 169 -3.51 14.68 21.67
N TRP C 170 -3.66 15.70 20.81
CA TRP C 170 -2.58 16.43 20.21
C TRP C 170 -1.65 17.11 21.19
N ILE C 171 -2.20 17.84 22.20
CA ILE C 171 -1.53 18.61 23.25
C ILE C 171 -0.10 19.02 22.95
N SER C 172 0.10 20.17 22.29
CA SER C 172 1.41 20.58 21.85
C SER C 172 1.43 22.07 21.92
N GLN C 173 2.60 22.64 22.30
CA GLN C 173 2.89 24.04 22.25
C GLN C 173 2.83 24.62 20.86
N THR C 174 3.43 23.91 19.88
CA THR C 174 3.46 24.29 18.49
C THR C 174 2.26 23.68 17.80
N HIS C 175 1.90 24.23 16.62
CA HIS C 175 0.81 23.74 15.81
C HIS C 175 1.20 22.49 15.06
N TYR C 176 2.51 22.24 14.91
CA TYR C 176 3.04 21.10 14.21
C TYR C 176 4.19 20.60 15.02
N ARG C 177 4.65 19.36 14.75
CA ARG C 177 5.81 18.77 15.34
C ARG C 177 6.61 18.25 14.19
N TYR C 178 7.93 18.00 14.42
CA TYR C 178 8.79 17.43 13.42
C TYR C 178 8.65 15.94 13.50
N VAL C 179 8.66 15.28 12.33
CA VAL C 179 8.68 13.85 12.16
C VAL C 179 9.92 13.25 12.77
N VAL C 180 11.09 13.91 12.56
CA VAL C 180 12.33 13.62 13.24
C VAL C 180 12.24 13.93 14.71
N ASP C 181 13.02 13.17 15.52
CA ASP C 181 13.15 13.39 16.94
C ASP C 181 13.90 14.68 17.17
N ASP C 182 13.29 15.60 17.95
CA ASP C 182 13.84 16.89 18.25
C ASP C 182 13.34 17.13 19.64
N LYS C 183 14.19 17.73 20.51
CA LYS C 183 13.92 17.82 21.92
C LYS C 183 12.93 18.92 22.21
N TYR C 184 12.79 19.89 21.27
CA TYR C 184 11.85 20.97 21.36
C TYR C 184 10.45 20.50 21.01
N THR C 185 10.37 19.39 20.24
CA THR C 185 9.14 18.96 19.61
C THR C 185 8.71 17.66 20.25
N ALA C 186 9.40 17.22 21.33
CA ALA C 186 9.06 16.13 22.24
C ALA C 186 7.58 15.93 22.43
N SER C 187 7.12 14.65 22.40
CA SER C 187 5.74 14.36 22.10
C SER C 187 5.11 13.54 23.18
N GLY C 188 5.86 13.13 24.23
CA GLY C 188 5.30 12.44 25.37
C GLY C 188 5.67 10.99 25.35
N PHE C 189 4.95 10.18 26.18
CA PHE C 189 5.29 8.81 26.47
C PHE C 189 4.00 8.05 26.52
N ILE C 190 4.03 6.76 26.16
CA ILE C 190 2.92 5.84 26.18
C ILE C 190 3.36 4.76 27.13
N SER C 191 2.41 4.17 27.88
CA SER C 191 2.72 3.08 28.77
C SER C 191 1.46 2.28 28.98
N CYS C 192 1.62 1.06 29.55
CA CYS C 192 0.54 0.17 29.85
C CYS C 192 0.93 -0.50 31.14
N TRP C 193 -0.04 -0.67 32.06
CA TRP C 193 0.15 -1.23 33.37
C TRP C 193 -0.98 -2.18 33.59
N TYR C 194 -0.82 -3.11 34.57
CA TYR C 194 -1.91 -3.91 35.07
C TYR C 194 -2.70 -3.06 36.02
N GLN C 195 -4.05 -3.03 35.86
CA GLN C 195 -4.94 -2.31 36.73
C GLN C 195 -5.46 -3.29 37.73
N THR C 196 -5.72 -4.54 37.27
CA THR C 196 -6.11 -5.64 38.13
C THR C 196 -5.10 -6.70 37.79
N ASN C 197 -5.52 -7.81 37.13
CA ASN C 197 -4.69 -8.94 36.86
C ASN C 197 -5.47 -9.69 35.80
N VAL C 198 -4.81 -10.63 35.09
CA VAL C 198 -5.51 -11.56 34.22
C VAL C 198 -5.86 -12.72 35.11
N ILE C 199 -7.17 -13.04 35.18
CA ILE C 199 -7.74 -14.04 36.04
C ILE C 199 -8.38 -14.98 35.08
N VAL C 200 -8.14 -16.30 35.27
CA VAL C 200 -8.50 -17.27 34.27
C VAL C 200 -8.71 -18.57 35.02
N PRO C 201 -9.64 -19.46 34.64
CA PRO C 201 -9.73 -20.84 35.09
C PRO C 201 -8.48 -21.67 34.94
N ALA C 202 -8.47 -22.84 35.62
CA ALA C 202 -7.41 -23.81 35.63
C ALA C 202 -7.14 -24.40 34.27
N GLU C 203 -8.20 -24.62 33.46
CA GLU C 203 -8.14 -25.35 32.23
C GLU C 203 -7.96 -24.44 31.04
N ALA C 204 -7.68 -23.15 31.29
CA ALA C 204 -7.44 -22.16 30.27
C ALA C 204 -6.09 -21.59 30.61
N GLN C 205 -5.32 -21.22 29.57
CA GLN C 205 -3.96 -20.76 29.66
C GLN C 205 -3.78 -19.50 30.47
N LYS C 206 -2.65 -19.45 31.22
CA LYS C 206 -2.34 -18.37 32.13
C LYS C 206 -1.75 -17.20 31.40
N SER C 207 -1.23 -17.44 30.17
CA SER C 207 -0.60 -16.43 29.36
C SER C 207 -1.52 -16.16 28.22
N CYS C 208 -1.54 -14.89 27.77
CA CYS C 208 -2.36 -14.38 26.71
C CYS C 208 -1.46 -13.43 25.98
N TYR C 209 -1.97 -12.82 24.89
CA TYR C 209 -1.27 -11.83 24.12
C TYR C 209 -2.14 -10.63 24.01
N ILE C 210 -1.53 -9.50 23.58
CA ILE C 210 -2.17 -8.23 23.39
C ILE C 210 -1.47 -7.72 22.16
N MET C 211 -2.22 -7.08 21.24
CA MET C 211 -1.68 -6.43 20.08
C MET C 211 -2.08 -5.00 20.21
N CYS C 212 -1.38 -4.13 19.46
CA CYS C 212 -1.62 -2.72 19.43
C CYS C 212 -1.71 -2.36 17.97
N PHE C 213 -2.57 -1.36 17.64
CA PHE C 213 -2.78 -0.84 16.32
C PHE C 213 -2.61 0.64 16.48
N VAL C 214 -2.37 1.37 15.36
CA VAL C 214 -2.21 2.81 15.41
C VAL C 214 -2.86 3.33 14.16
N SER C 215 -3.51 4.50 14.28
CA SER C 215 -3.98 5.23 13.12
C SER C 215 -4.19 6.65 13.52
N ALA C 216 -4.16 7.54 12.51
CA ALA C 216 -4.50 8.94 12.58
C ALA C 216 -5.97 9.14 12.87
N CYS C 217 -6.31 10.28 13.51
CA CYS C 217 -7.66 10.75 13.70
C CYS C 217 -7.96 11.69 12.55
N ASN C 218 -9.11 12.38 12.63
CA ASN C 218 -9.67 13.15 11.55
C ASN C 218 -9.22 14.59 11.60
N ASP C 219 -8.29 14.90 12.52
CA ASP C 219 -7.75 16.23 12.75
C ASP C 219 -6.29 16.24 12.40
N PHE C 220 -5.81 15.18 11.68
CA PHE C 220 -4.41 14.90 11.49
C PHE C 220 -4.01 15.38 10.14
N SER C 221 -2.80 15.98 10.00
CA SER C 221 -2.30 16.41 8.71
C SER C 221 -0.80 16.31 8.73
N VAL C 222 -0.16 16.46 7.55
CA VAL C 222 1.28 16.39 7.38
C VAL C 222 1.68 17.52 6.44
N ARG C 223 2.96 17.98 6.47
CA ARG C 223 3.42 19.04 5.61
C ARG C 223 4.87 18.81 5.25
N MET C 224 5.24 19.28 4.03
CA MET C 224 6.60 19.36 3.53
C MET C 224 7.21 18.05 3.14
N LEU C 225 6.97 17.67 1.87
CA LEU C 225 7.44 16.48 1.22
C LEU C 225 8.96 16.38 1.20
N ARG C 226 9.47 15.14 1.36
CA ARG C 226 10.88 14.88 1.36
C ARG C 226 11.04 13.43 1.05
N ASP C 227 12.27 13.03 0.61
CA ASP C 227 12.67 11.66 0.39
C ASP C 227 12.66 10.90 1.69
N THR C 228 12.25 9.61 1.64
CA THR C 228 12.25 8.72 2.77
C THR C 228 13.65 8.17 2.91
N GLN C 229 14.03 7.82 4.16
CA GLN C 229 15.35 7.35 4.49
C GLN C 229 15.35 5.84 4.56
N PHE C 230 14.23 5.20 4.17
CA PHE C 230 14.00 3.79 4.39
C PHE C 230 14.25 2.98 3.14
N ILE C 231 14.64 3.61 2.02
CA ILE C 231 14.86 2.89 0.78
C ILE C 231 16.08 3.53 0.18
N LYS C 232 16.96 2.69 -0.41
CA LYS C 232 18.26 3.13 -0.86
C LYS C 232 18.80 2.13 -1.83
N GLN C 233 19.84 2.55 -2.60
CA GLN C 233 20.47 1.70 -3.57
C GLN C 233 21.85 2.21 -3.82
N ASP C 234 22.75 1.32 -4.31
CA ASP C 234 24.16 1.62 -4.49
C ASP C 234 24.47 1.61 -5.96
N THR C 235 23.56 1.04 -6.79
CA THR C 235 23.72 1.03 -8.22
C THR C 235 22.33 0.77 -8.73
N PHE C 236 22.06 1.12 -10.02
CA PHE C 236 20.79 0.88 -10.67
C PHE C 236 20.44 -0.58 -10.70
N TYR C 237 19.14 -0.90 -10.48
CA TYR C 237 18.64 -2.25 -10.52
C TYR C 237 18.53 -2.66 -11.94
N GLN C 238 18.74 -3.97 -12.22
CA GLN C 238 18.71 -4.49 -13.58
C GLN C 238 17.89 -5.78 -13.62
N ALA D 3 -9.43 32.38 -20.48
CA ALA D 3 -8.71 32.53 -19.20
C ALA D 3 -9.51 32.00 -18.06
N GLN D 4 -8.80 31.34 -17.11
CA GLN D 4 -9.35 30.72 -15.95
C GLN D 4 -8.72 31.44 -14.80
N VAL D 5 -9.53 31.92 -13.84
CA VAL D 5 -9.08 32.69 -12.73
C VAL D 5 -9.50 31.88 -11.53
N SER D 6 -8.54 31.61 -10.62
CA SER D 6 -8.73 30.63 -9.58
C SER D 6 -7.92 31.11 -8.42
N THR D 7 -8.39 30.82 -7.19
CA THR D 7 -7.74 31.21 -5.95
C THR D 7 -6.42 30.51 -5.76
N GLN D 8 -5.45 31.22 -5.14
CA GLN D 8 -4.15 30.71 -4.80
C GLN D 8 -4.22 30.04 -3.46
N LYS D 9 -3.15 29.30 -3.11
CA LYS D 9 -2.98 28.68 -1.83
C LYS D 9 -2.38 29.71 -0.93
N THR D 10 -3.07 30.00 0.20
CA THR D 10 -2.79 31.16 0.99
C THR D 10 -3.34 30.81 2.33
N GLY D 11 -2.85 31.50 3.38
CA GLY D 11 -3.27 31.27 4.74
C GLY D 11 -4.59 32.04 4.94
N ALA D 12 -5.02 29.96 7.62
CA ALA D 12 -4.59 30.96 8.65
C ALA D 12 -5.64 32.00 8.86
N HIS D 13 -5.26 33.09 9.55
CA HIS D 13 -6.02 34.31 9.65
C HIS D 13 -5.32 35.37 8.78
N ILE D 24 -4.31 39.33 -6.59
CA ILE D 24 -4.19 39.45 -5.12
C ILE D 24 -4.00 38.07 -4.58
N ILE D 25 -5.10 37.28 -4.51
CA ILE D 25 -5.10 35.92 -4.01
C ILE D 25 -5.78 35.10 -5.09
N HIS D 26 -5.57 35.51 -6.36
CA HIS D 26 -6.02 34.81 -7.52
C HIS D 26 -4.85 34.77 -8.44
N TYR D 27 -4.89 33.87 -9.44
CA TYR D 27 -3.89 33.80 -10.48
C TYR D 27 -4.69 33.52 -11.73
N THR D 28 -4.05 33.72 -12.91
CA THR D 28 -4.67 33.53 -14.19
C THR D 28 -3.86 32.45 -14.86
N ASN D 29 -4.55 31.48 -15.50
CA ASN D 29 -3.96 30.43 -16.29
C ASN D 29 -4.67 30.47 -17.62
N ILE D 30 -3.89 30.38 -18.72
CA ILE D 30 -4.40 30.19 -20.07
C ILE D 30 -3.67 28.98 -20.53
N ASN D 31 -4.38 28.00 -21.14
CA ASN D 31 -3.79 26.82 -21.74
C ASN D 31 -3.37 27.14 -23.14
N TYR D 32 -2.17 26.66 -23.55
CA TYR D 32 -1.50 27.09 -24.76
C TYR D 32 -1.41 25.96 -25.73
N TYR D 33 -2.04 24.80 -25.43
CA TYR D 33 -1.82 23.58 -26.16
C TYR D 33 -3.15 22.95 -26.41
N LYS D 34 -3.18 21.98 -27.35
CA LYS D 34 -4.38 21.38 -27.86
C LYS D 34 -4.64 20.06 -27.16
N ASP D 35 -3.76 19.68 -26.21
CA ASP D 35 -3.86 18.44 -25.48
C ASP D 35 -3.98 18.82 -24.05
N ALA D 36 -4.65 17.95 -23.26
CA ALA D 36 -4.88 18.18 -21.85
C ALA D 36 -3.82 17.48 -21.06
N ALA D 37 -2.91 16.75 -21.75
CA ALA D 37 -1.76 16.14 -21.13
C ALA D 37 -0.65 17.15 -21.03
N SER D 38 -0.74 18.23 -21.85
CA SER D 38 0.20 19.31 -21.87
C SER D 38 0.01 20.24 -20.70
N ASN D 39 -1.20 20.24 -20.09
CA ASN D 39 -1.59 21.13 -19.02
C ASN D 39 -0.79 20.87 -17.78
N SER D 40 -0.60 21.92 -16.95
CA SER D 40 -0.03 21.82 -15.62
C SER D 40 -0.88 20.94 -14.72
N ALA D 41 -0.22 20.20 -13.81
CA ALA D 41 -0.85 19.25 -12.90
C ALA D 41 -1.85 19.91 -11.99
N ASN D 42 -2.93 19.16 -11.66
CA ASN D 42 -3.98 19.64 -10.78
C ASN D 42 -3.58 19.38 -9.36
N ARG D 43 -3.30 20.46 -8.60
CA ARG D 43 -2.71 20.35 -7.29
C ARG D 43 -3.68 20.85 -6.26
N GLN D 44 -4.87 21.35 -6.70
CA GLN D 44 -5.78 22.04 -5.82
C GLN D 44 -7.05 21.26 -5.64
N ASP D 45 -7.03 19.94 -5.95
CA ASP D 45 -8.15 19.05 -5.77
C ASP D 45 -7.90 18.34 -4.47
N PHE D 46 -8.78 18.58 -3.46
CA PHE D 46 -8.56 18.17 -2.09
C PHE D 46 -9.69 17.29 -1.62
N THR D 47 -10.48 16.70 -2.55
CA THR D 47 -11.53 15.75 -2.24
C THR D 47 -10.99 14.50 -1.59
N GLN D 48 -11.78 13.91 -0.65
CA GLN D 48 -11.36 12.74 0.08
C GLN D 48 -12.56 11.86 0.28
N ASP D 49 -12.30 10.57 0.60
CA ASP D 49 -13.31 9.61 0.94
C ASP D 49 -12.58 8.49 1.66
N PRO D 50 -12.19 8.64 2.92
CA PRO D 50 -11.40 7.65 3.64
C PRO D 50 -12.22 6.46 4.05
N SER D 51 -13.56 6.49 3.88
CA SER D 51 -14.47 5.55 4.50
C SER D 51 -14.48 4.20 3.84
N LYS D 52 -13.85 4.07 2.65
CA LYS D 52 -13.85 2.84 1.91
C LYS D 52 -12.66 2.01 2.29
N PHE D 53 -11.81 2.51 3.22
CA PHE D 53 -10.66 1.79 3.71
C PHE D 53 -10.82 1.68 5.20
N THR D 54 -11.40 2.73 5.81
CA THR D 54 -11.41 2.94 7.24
C THR D 54 -12.66 2.34 7.82
N GLU D 55 -13.76 2.29 7.04
CA GLU D 55 -15.02 1.76 7.51
C GLU D 55 -15.64 0.88 6.45
N PRO D 56 -15.01 -0.17 5.89
CA PRO D 56 -15.52 -0.87 4.74
C PRO D 56 -16.45 -1.99 5.17
N VAL D 57 -17.53 -1.69 5.94
CA VAL D 57 -18.38 -2.69 6.53
C VAL D 57 -19.77 -2.51 6.01
N LYS D 58 -20.46 -3.66 5.82
CA LYS D 58 -21.79 -3.80 5.27
C LYS D 58 -22.83 -3.12 6.12
N ASP D 59 -22.74 -3.32 7.46
CA ASP D 59 -23.65 -2.70 8.40
C ASP D 59 -22.92 -1.54 8.97
N VAL D 60 -23.61 -0.39 9.10
CA VAL D 60 -23.06 0.84 9.62
C VAL D 60 -22.87 0.68 11.10
N MET D 61 -21.62 0.87 11.56
CA MET D 61 -21.26 0.73 12.95
C MET D 61 -21.29 2.10 13.56
N ILE D 62 -22.15 2.26 14.58
CA ILE D 62 -22.32 3.50 15.31
C ILE D 62 -21.34 3.42 16.43
N LYS D 63 -20.56 4.52 16.60
CA LYS D 63 -19.43 4.63 17.49
C LYS D 63 -19.77 4.42 18.94
N SER D 64 -20.89 5.02 19.42
CA SER D 64 -21.30 4.98 20.80
C SER D 64 -21.86 3.64 21.22
N LEU D 65 -22.32 2.82 20.25
CA LEU D 65 -22.94 1.55 20.53
C LEU D 65 -21.84 0.51 20.58
N PRO D 66 -22.05 -0.67 21.20
CA PRO D 66 -21.24 -1.86 20.97
C PRO D 66 -20.97 -2.13 19.50
N ALA D 67 -19.74 -2.59 19.16
CA ALA D 67 -19.43 -3.13 17.86
C ALA D 67 -20.25 -4.36 17.58
N LEU D 68 -20.38 -5.25 18.59
CA LEU D 68 -20.99 -6.54 18.45
C LEU D 68 -21.99 -6.65 19.55
N ASN D 69 -23.28 -6.71 19.19
CA ASN D 69 -24.38 -6.74 20.13
C ASN D 69 -24.79 -8.21 20.26
#